data_1VE7
#
_entry.id   1VE7
#
_cell.length_a   63.883
_cell.length_b   104.622
_cell.length_c   168.004
_cell.angle_alpha   90.00
_cell.angle_beta   90.00
_cell.angle_gamma   90.00
#
_symmetry.space_group_name_H-M   'P 21 21 21'
#
loop_
_entity.id
_entity.type
_entity.pdbx_description
1 polymer 'Acylamino-acid-releasing enzyme'
2 non-polymer '4-NITROPHENYL PHOSPHATE'
3 non-polymer GLYCEROL
4 water water
#
_entity_poly.entity_id   1
_entity_poly.type   'polypeptide(L)'
_entity_poly.pdbx_seq_one_letter_code
;MRIIMPVEFSRIVRDVERLIAVEKYSLQGVVDGDKLLVVGFSEGSVNAYLYDGGETVKLNREPINSVLDPHYGVGRVILV
RDVSKGAEQHALFKVNTSRPGEEQRLEAVKPMRILSGVDTGEAVVFTGATEDRVALYALDGGGLRELARLPGFGFVSDIR
GDLIAGLGFFGGGRVSLFTSNLSSGGLRVFDSGEGSFSSASISPGMKVTAGLETAREARLVTVDPRDGSVEDLELPSKDF
SSYRPTAITWLGYLPDGRLAVVARREGRSAVFIDGERVEAPQGNHGRVVLWRGKLVTSHTSLSTPPRIVSLPSGEPLLEG
GLPEDLRRSIAGSRLVWVESFDGSRVPTYVLESGRAPTPGPTVVLVHGGPFAEDSDSWDTFAASLAAAGFHVVMPNYRGS
TGYGEEWRLKIIGDPCGGELEDVSAAARWARESGLASELYIMGYSYGGYMTLCALTMKPGLFKAGVAGASVVDWEEMYEL
SDAAFRNFIEQLTGGSREIMRSRSPINHVDRIKEPLALIHPQNDSRTPLKPLLRLMGELLARGKTFEAHIIPDAGHAINT
MEDAVKILLPAVFFLATQRERR
;
_entity_poly.pdbx_strand_id   A,B
#
loop_
_chem_comp.id
_chem_comp.type
_chem_comp.name
_chem_comp.formula
4NP non-polymer '4-NITROPHENYL PHOSPHATE' 'C6 H6 N O6 P'
GOL non-polymer GLYCEROL 'C3 H8 O3'
#
# COMPACT_ATOMS: atom_id res chain seq x y z
N PHE A 9 11.61 0.37 9.59
CA PHE A 9 12.29 0.37 10.93
C PHE A 9 11.25 0.74 11.98
N SER A 10 10.69 -0.28 12.64
CA SER A 10 9.65 -0.08 13.65
C SER A 10 9.85 1.08 14.62
N ARG A 11 11.11 1.49 14.86
CA ARG A 11 11.36 2.63 15.75
C ARG A 11 10.61 3.85 15.20
N ILE A 12 10.12 3.71 13.97
CA ILE A 12 9.38 4.76 13.29
C ILE A 12 7.90 4.63 13.60
N VAL A 13 7.38 3.42 13.47
CA VAL A 13 5.98 3.17 13.73
C VAL A 13 5.57 3.58 15.14
N ARG A 14 6.39 3.22 16.13
CA ARG A 14 6.08 3.55 17.51
C ARG A 14 5.68 5.00 17.69
N ASP A 15 6.47 5.90 17.12
CA ASP A 15 6.22 7.34 17.22
C ASP A 15 5.11 7.90 16.33
N VAL A 16 5.09 7.47 15.07
CA VAL A 16 4.08 7.92 14.14
C VAL A 16 2.68 7.56 14.63
N GLU A 17 2.49 6.34 15.11
CA GLU A 17 1.17 5.94 15.62
C GLU A 17 0.85 6.71 16.89
N ARG A 18 1.88 7.05 17.66
CA ARG A 18 1.65 7.81 18.89
C ARG A 18 1.17 9.22 18.61
N LEU A 19 1.78 9.86 17.62
CA LEU A 19 1.41 11.23 17.25
C LEU A 19 -0.01 11.25 16.69
N ILE A 20 -0.35 10.21 15.96
CA ILE A 20 -1.68 10.08 15.39
C ILE A 20 -2.72 9.88 16.48
N ALA A 21 -2.40 9.01 17.43
CA ALA A 21 -3.28 8.66 18.54
C ALA A 21 -3.60 9.75 19.57
N VAL A 22 -2.75 10.77 19.69
CA VAL A 22 -2.98 11.81 20.69
C VAL A 22 -4.35 12.39 20.48
N GLU A 23 -5.14 12.47 21.53
CA GLU A 23 -6.49 13.02 21.44
C GLU A 23 -6.44 14.49 21.02
N LYS A 24 -7.33 14.84 20.08
CA LYS A 24 -7.43 16.18 19.53
C LYS A 24 -8.85 16.76 19.71
N TYR A 25 -8.95 17.95 20.29
CA TYR A 25 -10.25 18.59 20.53
C TYR A 25 -10.51 19.88 19.75
N SER A 26 -11.78 20.09 19.40
CA SER A 26 -12.18 21.34 18.73
C SER A 26 -13.42 21.79 19.50
N LEU A 27 -13.67 23.10 19.56
CA LEU A 27 -14.81 23.61 20.33
C LEU A 27 -16.02 24.01 19.46
N GLN A 28 -17.22 23.68 19.91
CA GLN A 28 -18.41 23.95 19.14
C GLN A 28 -19.40 24.95 19.75
N GLY A 29 -19.60 24.88 21.06
CA GLY A 29 -20.54 25.81 21.69
C GLY A 29 -21.02 25.34 23.03
N VAL A 30 -21.99 26.07 23.58
CA VAL A 30 -22.55 25.70 24.87
C VAL A 30 -23.93 25.17 24.59
N VAL A 31 -24.18 23.96 25.07
CA VAL A 31 -25.45 23.28 24.83
C VAL A 31 -26.03 22.80 26.15
N ASP A 32 -27.09 22.01 26.09
CA ASP A 32 -27.69 21.41 27.28
C ASP A 32 -27.55 22.27 28.51
N GLY A 33 -28.18 23.43 28.48
CA GLY A 33 -28.09 24.32 29.61
C GLY A 33 -26.74 24.98 29.59
N ASP A 34 -25.76 24.37 30.28
CA ASP A 34 -24.43 24.96 30.31
C ASP A 34 -23.22 24.01 30.27
N LYS A 35 -23.14 23.18 29.23
CA LYS A 35 -22.02 22.23 29.03
C LYS A 35 -21.39 22.53 27.69
N LEU A 36 -20.06 22.46 27.61
CA LEU A 36 -19.38 22.71 26.34
C LEU A 36 -19.62 21.54 25.37
N LEU A 37 -19.87 21.87 24.11
CA LEU A 37 -20.05 20.83 23.10
C LEU A 37 -18.69 20.78 22.41
N VAL A 38 -18.08 19.61 22.35
CA VAL A 38 -16.77 19.53 21.72
C VAL A 38 -16.63 18.36 20.75
N VAL A 39 -15.74 18.52 19.80
CA VAL A 39 -15.49 17.43 18.87
C VAL A 39 -14.06 17.11 19.14
N GLY A 40 -13.81 15.85 19.44
CA GLY A 40 -12.47 15.40 19.70
C GLY A 40 -12.16 14.13 18.94
N PHE A 41 -10.88 13.89 18.73
CA PHE A 41 -10.46 12.68 18.07
C PHE A 41 -10.02 11.93 19.29
N SER A 42 -10.64 10.80 19.54
CA SER A 42 -10.32 10.01 20.70
C SER A 42 -11.03 8.68 20.61
N GLU A 43 -10.30 7.61 20.92
CA GLU A 43 -10.81 6.24 20.90
C GLU A 43 -10.45 5.65 19.53
N GLY A 44 -9.93 6.50 18.64
CA GLY A 44 -9.58 6.05 17.32
C GLY A 44 -10.57 6.52 16.27
N SER A 45 -11.35 7.54 16.61
CA SER A 45 -12.30 8.05 15.66
C SER A 45 -12.84 9.39 16.14
N VAL A 46 -13.58 10.08 15.26
CA VAL A 46 -14.14 11.38 15.59
C VAL A 46 -15.51 11.28 16.22
N ASN A 47 -15.64 11.83 17.42
CA ASN A 47 -16.88 11.78 18.18
C ASN A 47 -17.26 13.15 18.76
N ALA A 48 -18.45 13.25 19.35
CA ALA A 48 -18.92 14.50 19.97
C ALA A 48 -19.08 14.31 21.48
N TYR A 49 -18.54 15.24 22.26
CA TYR A 49 -18.63 15.12 23.71
C TYR A 49 -19.22 16.32 24.46
N LEU A 50 -19.76 16.03 25.63
CA LEU A 50 -20.23 17.09 26.50
C LEU A 50 -19.14 17.06 27.55
N TYR A 51 -18.70 18.23 27.99
CA TYR A 51 -17.68 18.32 29.03
C TYR A 51 -18.30 19.20 30.08
N ASP A 52 -18.12 18.85 31.36
CA ASP A 52 -18.69 19.66 32.41
C ASP A 52 -17.74 19.88 33.60
N GLY A 53 -16.45 19.66 33.37
CA GLY A 53 -15.47 19.86 34.43
C GLY A 53 -14.85 18.55 34.91
N GLY A 54 -15.45 17.44 34.51
CA GLY A 54 -14.91 16.17 34.94
C GLY A 54 -14.73 15.22 33.78
N GLU A 55 -15.37 14.07 33.90
CA GLU A 55 -15.33 13.08 32.86
C GLU A 55 -16.08 13.64 31.64
N THR A 56 -15.70 13.20 30.46
CA THR A 56 -16.33 13.66 29.23
C THR A 56 -17.50 12.72 28.90
N VAL A 57 -18.43 13.13 28.05
CA VAL A 57 -19.59 12.25 27.74
C VAL A 57 -19.89 12.08 26.26
N LYS A 58 -19.65 10.88 25.75
CA LYS A 58 -19.86 10.61 24.34
C LYS A 58 -21.33 10.74 24.01
N LEU A 59 -21.63 11.50 22.96
CA LEU A 59 -23.01 11.74 22.54
C LEU A 59 -23.53 10.80 21.46
N ASN A 60 -22.69 10.47 20.50
CA ASN A 60 -23.04 9.63 19.36
C ASN A 60 -22.80 8.14 19.53
N ARG A 61 -23.28 7.36 18.59
CA ARG A 61 -23.05 5.92 18.58
C ARG A 61 -21.73 5.71 17.82
N GLU A 62 -21.81 5.45 16.52
CA GLU A 62 -20.62 5.25 15.72
C GLU A 62 -20.01 6.60 15.32
N PRO A 63 -18.74 6.59 14.87
CA PRO A 63 -17.99 7.78 14.44
C PRO A 63 -18.78 8.79 13.59
N ILE A 64 -18.48 10.06 13.77
CA ILE A 64 -19.15 11.09 13.00
C ILE A 64 -18.12 11.89 12.25
N ASN A 65 -18.58 12.94 11.58
CA ASN A 65 -17.70 13.81 10.82
C ASN A 65 -17.65 15.17 11.49
N SER A 66 -18.74 15.58 12.13
CA SER A 66 -18.81 16.86 12.79
C SER A 66 -20.19 17.07 13.36
N VAL A 67 -20.39 18.23 13.99
CA VAL A 67 -21.68 18.62 14.57
C VAL A 67 -22.06 19.98 14.02
N LEU A 68 -23.35 20.26 13.95
CA LEU A 68 -23.81 21.54 13.47
C LEU A 68 -23.68 22.54 14.64
N ASP A 69 -23.41 23.82 14.33
CA ASP A 69 -23.27 24.84 15.35
C ASP A 69 -24.53 24.94 16.17
N PRO A 70 -24.42 24.85 17.48
CA PRO A 70 -25.62 24.96 18.31
C PRO A 70 -25.74 26.33 18.97
N HIS A 71 -26.95 26.85 19.04
CA HIS A 71 -27.09 28.09 19.76
C HIS A 71 -26.81 27.80 21.25
N TYR A 72 -26.56 28.84 22.03
CA TYR A 72 -26.25 28.63 23.43
C TYR A 72 -27.32 27.90 24.24
N GLY A 73 -26.92 26.78 24.86
CA GLY A 73 -27.79 26.01 25.73
C GLY A 73 -28.88 25.11 25.15
N VAL A 74 -29.02 25.01 23.83
CA VAL A 74 -30.08 24.16 23.25
C VAL A 74 -29.91 22.75 23.81
N GLY A 75 -31.02 22.01 23.96
CA GLY A 75 -30.96 20.68 24.51
C GLY A 75 -30.74 19.52 23.54
N ARG A 76 -30.18 19.80 22.37
CA ARG A 76 -29.94 18.74 21.40
C ARG A 76 -28.68 19.05 20.60
N VAL A 77 -28.15 18.03 19.92
CA VAL A 77 -26.97 18.18 19.09
C VAL A 77 -27.25 17.46 17.78
N ILE A 78 -26.96 18.12 16.65
CA ILE A 78 -27.18 17.56 15.34
C ILE A 78 -25.87 17.04 14.81
N LEU A 79 -25.75 15.73 14.73
CA LEU A 79 -24.53 15.10 14.26
C LEU A 79 -24.51 15.01 12.75
N VAL A 80 -23.31 15.16 12.20
CA VAL A 80 -23.16 15.04 10.77
C VAL A 80 -22.27 13.84 10.55
N ARG A 81 -22.86 12.79 9.97
CA ARG A 81 -22.15 11.58 9.72
C ARG A 81 -22.29 11.21 8.26
N ASP A 82 -21.17 10.74 7.71
CA ASP A 82 -21.05 10.28 6.32
C ASP A 82 -21.66 8.86 6.28
N VAL A 83 -22.61 8.63 5.38
CA VAL A 83 -23.21 7.30 5.28
C VAL A 83 -22.86 6.70 3.92
N SER A 84 -21.68 7.03 3.40
CA SER A 84 -21.26 6.55 2.09
C SER A 84 -19.86 5.94 2.14
N LYS A 85 -19.38 5.57 3.31
CA LYS A 85 -18.06 4.98 3.35
C LYS A 85 -16.98 5.93 2.78
N GLY A 86 -17.03 7.20 3.17
CA GLY A 86 -16.02 8.14 2.70
C GLY A 86 -16.40 9.08 1.59
N ALA A 87 -17.34 8.70 0.72
CA ALA A 87 -17.73 9.58 -0.39
C ALA A 87 -18.34 10.91 0.10
N GLU A 88 -18.62 10.99 1.39
CA GLU A 88 -19.16 12.21 1.98
C GLU A 88 -20.59 12.58 1.55
N GLN A 89 -21.45 11.61 1.71
CA GLN A 89 -22.87 11.75 1.44
C GLN A 89 -23.36 11.70 2.88
N HIS A 90 -23.42 12.88 3.49
CA HIS A 90 -23.80 13.02 4.87
C HIS A 90 -25.27 12.84 5.09
N ALA A 91 -25.59 12.41 6.29
CA ALA A 91 -26.96 12.22 6.74
C ALA A 91 -26.88 12.99 8.05
N LEU A 92 -28.00 13.55 8.51
CA LEU A 92 -28.01 14.34 9.73
C LEU A 92 -28.76 13.62 10.84
N PHE A 93 -28.12 13.51 12.01
CA PHE A 93 -28.73 12.83 13.14
C PHE A 93 -28.93 13.77 14.33
N LYS A 94 -30.07 13.61 15.00
CA LYS A 94 -30.44 14.41 16.16
C LYS A 94 -30.23 13.61 17.46
N VAL A 95 -29.66 14.26 18.46
CA VAL A 95 -29.40 13.65 19.76
C VAL A 95 -29.82 14.57 20.90
N ASN A 96 -30.66 14.06 21.77
CA ASN A 96 -31.09 14.85 22.91
C ASN A 96 -29.96 14.77 23.95
N THR A 97 -29.56 15.90 24.53
CA THR A 97 -28.46 15.85 25.47
C THR A 97 -28.75 15.12 26.77
N SER A 98 -29.99 15.05 27.19
CA SER A 98 -30.30 14.33 28.42
C SER A 98 -30.16 12.83 28.19
N ARG A 99 -30.39 12.39 26.95
CA ARG A 99 -30.33 10.97 26.58
C ARG A 99 -29.19 10.63 25.62
N PRO A 100 -27.93 10.83 26.06
CA PRO A 100 -26.71 10.57 25.30
C PRO A 100 -26.63 9.17 24.67
N GLY A 101 -26.23 9.07 23.41
CA GLY A 101 -26.12 7.78 22.77
C GLY A 101 -27.36 7.27 22.05
N GLU A 102 -28.35 8.12 21.90
CA GLU A 102 -29.58 7.74 21.20
C GLU A 102 -29.63 8.71 20.02
N GLU A 103 -29.81 8.20 18.82
CA GLU A 103 -29.83 9.09 17.67
C GLU A 103 -31.07 8.88 16.83
N GLN A 104 -31.57 9.96 16.24
CA GLN A 104 -32.71 9.87 15.37
C GLN A 104 -32.32 10.54 14.07
N ARG A 105 -32.17 9.74 13.03
CA ARG A 105 -31.82 10.26 11.73
C ARG A 105 -32.87 11.26 11.24
N LEU A 106 -32.42 12.39 10.70
CA LEU A 106 -33.35 13.39 10.17
C LEU A 106 -33.68 12.98 8.74
N GLU A 107 -34.59 12.02 8.62
CA GLU A 107 -35.00 11.47 7.34
C GLU A 107 -35.52 12.46 6.33
N ALA A 108 -35.77 13.70 6.76
CA ALA A 108 -36.27 14.72 5.83
C ALA A 108 -35.16 15.16 4.88
N VAL A 109 -33.92 14.97 5.30
CA VAL A 109 -32.79 15.35 4.49
C VAL A 109 -32.13 14.12 3.87
N LYS A 110 -32.15 14.04 2.54
CA LYS A 110 -31.53 12.94 1.84
C LYS A 110 -30.04 13.21 1.85
N PRO A 111 -29.20 12.15 1.90
CA PRO A 111 -27.72 12.22 1.92
C PRO A 111 -27.13 13.19 0.90
N MET A 112 -26.22 14.05 1.36
CA MET A 112 -25.57 15.05 0.51
C MET A 112 -24.32 15.62 1.21
N ARG A 113 -23.54 16.41 0.48
CA ARG A 113 -22.34 17.01 1.06
C ARG A 113 -22.82 18.19 1.87
N ILE A 114 -22.91 17.98 3.17
CA ILE A 114 -23.34 18.98 4.13
C ILE A 114 -22.12 19.84 4.32
N LEU A 115 -22.20 21.11 3.93
CA LEU A 115 -21.08 22.05 4.03
C LEU A 115 -20.97 22.79 5.35
N SER A 116 -22.11 23.11 5.95
CA SER A 116 -22.12 23.85 7.21
C SER A 116 -23.53 23.83 7.79
N GLY A 117 -23.67 24.36 9.00
CA GLY A 117 -24.96 24.41 9.62
C GLY A 117 -25.02 24.90 11.06
N VAL A 118 -26.19 25.39 11.45
CA VAL A 118 -26.38 25.85 12.80
C VAL A 118 -27.73 25.30 13.28
N ASP A 119 -27.87 25.13 14.61
CA ASP A 119 -29.15 24.68 15.19
C ASP A 119 -29.69 25.61 16.32
N THR A 120 -30.73 26.38 16.00
CA THR A 120 -31.34 27.34 16.92
C THR A 120 -32.14 26.69 18.02
N GLY A 121 -32.31 25.38 17.97
CA GLY A 121 -33.12 24.72 18.96
C GLY A 121 -34.46 24.41 18.30
N GLU A 122 -34.97 25.32 17.48
CA GLU A 122 -36.26 25.10 16.83
C GLU A 122 -36.08 24.76 15.37
N ALA A 123 -35.13 25.41 14.71
CA ALA A 123 -34.91 25.14 13.31
C ALA A 123 -33.48 24.73 13.08
N VAL A 124 -33.26 23.92 12.05
CA VAL A 124 -31.92 23.48 11.68
C VAL A 124 -31.59 24.13 10.32
N VAL A 125 -30.61 25.02 10.29
CA VAL A 125 -30.23 25.68 9.06
C VAL A 125 -28.84 25.26 8.62
N PHE A 126 -28.73 24.69 7.43
CA PHE A 126 -27.45 24.21 6.94
C PHE A 126 -27.31 24.48 5.44
N THR A 127 -26.14 24.13 4.89
CA THR A 127 -25.93 24.27 3.46
C THR A 127 -25.37 22.96 3.03
N GLY A 128 -25.96 22.41 1.97
CA GLY A 128 -25.52 21.14 1.44
C GLY A 128 -25.31 21.26 -0.04
N ALA A 129 -24.68 20.23 -0.61
CA ALA A 129 -24.41 20.19 -2.04
C ALA A 129 -24.71 18.81 -2.61
N THR A 130 -25.30 18.81 -3.80
CA THR A 130 -25.66 17.62 -4.55
C THR A 130 -25.05 17.74 -5.94
N GLU A 131 -25.22 16.72 -6.77
CA GLU A 131 -24.64 16.77 -8.10
C GLU A 131 -25.16 18.00 -8.87
N ASP A 132 -26.30 18.54 -8.47
CA ASP A 132 -26.87 19.69 -9.17
C ASP A 132 -26.97 21.04 -8.47
N ARG A 133 -26.73 21.13 -7.16
CA ARG A 133 -26.78 22.44 -6.52
C ARG A 133 -26.22 22.51 -5.10
N VAL A 134 -25.85 23.71 -4.73
CA VAL A 134 -25.35 24.00 -3.42
C VAL A 134 -26.53 24.86 -3.02
N ALA A 135 -27.11 24.61 -1.86
CA ALA A 135 -28.25 25.38 -1.42
C ALA A 135 -28.22 25.65 0.07
N LEU A 136 -29.01 26.63 0.49
CA LEU A 136 -29.16 27.01 1.88
C LEU A 136 -30.54 26.38 2.24
N TYR A 137 -30.54 25.54 3.28
CA TYR A 137 -31.74 24.83 3.71
C TYR A 137 -32.16 25.17 5.12
N ALA A 138 -33.35 24.74 5.48
CA ALA A 138 -33.86 25.01 6.82
C ALA A 138 -34.85 23.91 7.12
N LEU A 139 -34.63 23.21 8.22
CA LEU A 139 -35.52 22.13 8.62
C LEU A 139 -36.07 22.35 10.03
N ASP A 140 -37.35 22.71 10.09
CA ASP A 140 -38.04 22.97 11.35
C ASP A 140 -39.26 22.05 11.46
N GLY A 141 -40.17 22.38 12.36
CA GLY A 141 -41.36 21.55 12.53
C GLY A 141 -42.24 21.33 11.29
N GLY A 142 -42.13 22.19 10.29
CA GLY A 142 -42.95 22.02 9.10
C GLY A 142 -42.28 21.22 8.00
N GLY A 143 -41.06 20.75 8.25
CA GLY A 143 -40.33 19.97 7.25
C GLY A 143 -39.12 20.68 6.65
N LEU A 144 -38.64 20.15 5.53
CA LEU A 144 -37.50 20.74 4.87
C LEU A 144 -37.89 21.81 3.86
N ARG A 145 -37.20 22.93 3.93
CA ARG A 145 -37.43 24.02 3.01
C ARG A 145 -36.07 24.49 2.45
N GLU A 146 -36.04 24.71 1.14
CA GLU A 146 -34.85 25.24 0.52
C GLU A 146 -35.04 26.76 0.55
N LEU A 147 -34.19 27.47 1.29
CA LEU A 147 -34.28 28.93 1.38
C LEU A 147 -33.63 29.66 0.22
N ALA A 148 -32.71 29.00 -0.48
CA ALA A 148 -31.98 29.60 -1.60
C ALA A 148 -30.97 28.65 -2.28
N ARG A 149 -30.81 28.82 -3.58
CA ARG A 149 -29.85 28.05 -4.34
C ARG A 149 -28.61 28.97 -4.40
N LEU A 150 -27.43 28.43 -4.14
CA LEU A 150 -26.26 29.27 -4.15
C LEU A 150 -25.35 29.02 -5.34
N PRO A 151 -24.50 30.00 -5.69
CA PRO A 151 -23.56 29.92 -6.81
C PRO A 151 -22.52 28.81 -6.55
N GLY A 152 -21.85 28.87 -5.41
CA GLY A 152 -20.87 27.85 -5.08
C GLY A 152 -20.86 27.57 -3.60
N PHE A 153 -19.73 27.08 -3.08
CA PHE A 153 -19.60 26.81 -1.66
C PHE A 153 -20.08 28.01 -0.84
N GLY A 154 -20.97 27.74 0.11
CA GLY A 154 -21.50 28.77 0.96
C GLY A 154 -21.62 28.13 2.31
N PHE A 155 -21.26 28.86 3.36
CA PHE A 155 -21.33 28.33 4.73
C PHE A 155 -22.15 29.28 5.62
N VAL A 156 -22.97 28.73 6.50
CA VAL A 156 -23.80 29.53 7.39
C VAL A 156 -22.92 30.07 8.50
N SER A 157 -23.10 31.33 8.86
CA SER A 157 -22.23 31.93 9.87
C SER A 157 -22.89 32.10 11.22
N ASP A 158 -24.10 32.65 11.20
CA ASP A 158 -24.84 32.93 12.41
C ASP A 158 -26.31 33.16 12.16
N ILE A 159 -27.12 32.82 13.15
CA ILE A 159 -28.54 33.07 13.04
C ILE A 159 -29.03 33.83 14.26
N ARG A 160 -29.71 34.93 14.00
CA ARG A 160 -30.30 35.74 15.05
C ARG A 160 -31.69 36.11 14.56
N GLY A 161 -32.69 35.48 15.15
CA GLY A 161 -34.07 35.74 14.78
C GLY A 161 -34.30 35.04 13.47
N ASP A 162 -34.70 35.80 12.45
CA ASP A 162 -34.95 35.24 11.12
C ASP A 162 -33.76 35.51 10.22
N LEU A 163 -32.85 36.36 10.69
CA LEU A 163 -31.69 36.72 9.91
C LEU A 163 -30.62 35.63 9.91
N ILE A 164 -30.25 35.19 8.72
CA ILE A 164 -29.23 34.15 8.54
C ILE A 164 -28.03 34.82 7.85
N ALA A 165 -26.83 34.65 8.40
CA ALA A 165 -25.66 35.23 7.76
C ALA A 165 -24.68 34.11 7.37
N GLY A 166 -24.00 34.26 6.23
CA GLY A 166 -23.09 33.22 5.80
C GLY A 166 -21.95 33.75 4.97
N LEU A 167 -21.08 32.86 4.51
CA LEU A 167 -19.94 33.25 3.68
C LEU A 167 -20.00 32.39 2.42
N GLY A 168 -19.83 33.01 1.26
CA GLY A 168 -19.89 32.27 0.02
C GLY A 168 -18.79 32.53 -1.00
N PHE A 169 -18.17 31.46 -1.48
CA PHE A 169 -17.12 31.55 -2.49
C PHE A 169 -17.93 31.48 -3.77
N PHE A 170 -18.54 32.60 -4.11
CA PHE A 170 -19.39 32.63 -5.27
C PHE A 170 -18.74 33.17 -6.53
N GLY A 171 -17.44 33.40 -6.50
CA GLY A 171 -16.83 33.90 -7.72
C GLY A 171 -15.47 34.51 -7.65
N GLY A 172 -14.64 34.14 -8.63
CA GLY A 172 -13.29 34.68 -8.72
C GLY A 172 -12.43 34.62 -7.47
N GLY A 173 -12.64 33.59 -6.66
CA GLY A 173 -11.88 33.45 -5.43
C GLY A 173 -12.30 34.38 -4.30
N ARG A 174 -13.13 35.38 -4.59
CA ARG A 174 -13.56 36.27 -3.55
C ARG A 174 -14.67 35.65 -2.68
N VAL A 175 -14.67 36.01 -1.40
CA VAL A 175 -15.71 35.51 -0.52
C VAL A 175 -16.69 36.66 -0.33
N SER A 176 -17.95 36.37 -0.54
CA SER A 176 -18.98 37.36 -0.45
C SER A 176 -19.77 37.10 0.82
N LEU A 177 -20.60 38.04 1.23
CA LEU A 177 -21.42 37.83 2.43
C LEU A 177 -22.87 37.72 1.94
N PHE A 178 -23.66 36.82 2.53
CA PHE A 178 -25.04 36.70 2.09
C PHE A 178 -25.97 36.61 3.28
N THR A 179 -27.20 37.05 3.07
CA THR A 179 -28.20 36.98 4.14
C THR A 179 -29.42 36.27 3.56
N SER A 180 -30.23 35.71 4.44
CA SER A 180 -31.45 35.05 4.06
C SER A 180 -32.40 35.09 5.25
N ASN A 181 -33.66 34.78 5.00
CA ASN A 181 -34.69 34.81 6.04
C ASN A 181 -35.12 33.41 6.37
N LEU A 182 -35.09 33.08 7.66
CA LEU A 182 -35.46 31.73 8.10
C LEU A 182 -36.88 31.33 7.76
N SER A 183 -37.82 32.27 7.83
CA SER A 183 -39.21 31.92 7.53
C SER A 183 -39.62 32.18 6.08
N SER A 184 -39.12 33.24 5.47
CA SER A 184 -39.46 33.55 4.09
C SER A 184 -38.33 33.25 3.10
N GLY A 185 -37.18 32.82 3.59
CA GLY A 185 -36.08 32.51 2.69
C GLY A 185 -35.52 33.71 1.94
N GLY A 186 -35.02 33.48 0.74
CA GLY A 186 -34.46 34.59 -0.01
C GLY A 186 -32.95 34.61 0.11
N LEU A 187 -32.32 35.49 -0.66
CA LEU A 187 -30.86 35.59 -0.63
C LEU A 187 -30.39 36.96 -1.08
N ARG A 188 -29.48 37.54 -0.31
CA ARG A 188 -28.89 38.84 -0.64
C ARG A 188 -27.40 38.48 -0.60
N VAL A 189 -26.61 39.08 -1.48
CA VAL A 189 -25.19 38.79 -1.56
C VAL A 189 -24.44 40.09 -1.61
N PHE A 190 -23.70 40.40 -0.56
CA PHE A 190 -22.95 41.64 -0.51
C PHE A 190 -21.49 41.42 -0.86
N ASP A 191 -20.99 42.17 -1.85
CA ASP A 191 -19.59 42.05 -2.25
C ASP A 191 -18.84 43.28 -1.76
N SER A 192 -17.54 43.16 -1.52
CA SER A 192 -16.75 44.31 -1.09
C SER A 192 -15.63 44.60 -2.06
N GLY A 193 -15.71 45.72 -2.76
CA GLY A 193 -14.69 46.07 -3.72
C GLY A 193 -13.27 45.91 -3.22
N GLU A 194 -13.07 46.02 -1.91
CA GLU A 194 -11.76 45.93 -1.24
C GLU A 194 -11.22 44.53 -0.89
N GLY A 195 -12.09 43.52 -0.89
CA GLY A 195 -11.62 42.19 -0.56
C GLY A 195 -12.69 41.15 -0.28
N SER A 196 -12.38 40.29 0.68
CA SER A 196 -13.29 39.21 1.03
C SER A 196 -13.64 39.20 2.50
N PHE A 197 -14.85 38.72 2.82
CA PHE A 197 -15.25 38.61 4.20
C PHE A 197 -14.75 37.28 4.73
N SER A 198 -14.26 37.27 5.97
CA SER A 198 -13.71 36.04 6.55
C SER A 198 -14.51 35.44 7.71
N SER A 199 -15.45 36.21 8.24
CA SER A 199 -16.27 35.75 9.35
C SER A 199 -17.47 36.66 9.47
N ALA A 200 -18.50 36.19 10.15
CA ALA A 200 -19.72 36.96 10.31
C ALA A 200 -20.46 36.57 11.59
N SER A 201 -21.23 37.50 12.13
CA SER A 201 -22.02 37.28 13.34
C SER A 201 -23.04 38.41 13.39
N ILE A 202 -24.27 38.08 13.75
CA ILE A 202 -25.32 39.09 13.80
C ILE A 202 -25.36 39.83 15.14
N SER A 203 -25.31 41.15 15.08
CA SER A 203 -25.36 42.02 16.25
C SER A 203 -26.79 42.21 16.75
N PRO A 204 -26.97 42.46 18.05
CA PRO A 204 -28.32 42.66 18.62
C PRO A 204 -29.13 43.70 17.86
N GLY A 205 -28.41 44.61 17.18
CA GLY A 205 -29.04 45.64 16.39
C GLY A 205 -29.47 45.14 15.04
N MET A 206 -29.19 43.87 14.77
CA MET A 206 -29.59 43.23 13.53
C MET A 206 -28.85 43.72 12.30
N LYS A 207 -27.57 44.00 12.47
CA LYS A 207 -26.68 44.44 11.39
C LYS A 207 -25.66 43.28 11.36
N VAL A 208 -24.90 43.13 10.28
CA VAL A 208 -23.95 42.03 10.26
C VAL A 208 -22.53 42.47 10.46
N THR A 209 -21.96 42.06 11.60
CA THR A 209 -20.58 42.38 11.92
C THR A 209 -19.78 41.32 11.16
N ALA A 210 -18.73 41.77 10.47
CA ALA A 210 -17.92 40.85 9.69
C ALA A 210 -16.44 41.26 9.60
N GLY A 211 -15.60 40.27 9.34
CA GLY A 211 -14.19 40.55 9.17
C GLY A 211 -14.03 40.76 7.70
N LEU A 212 -13.28 41.79 7.31
CA LEU A 212 -13.05 42.07 5.90
C LEU A 212 -11.54 42.07 5.63
N GLU A 213 -11.10 41.18 4.75
CA GLU A 213 -9.70 41.07 4.40
C GLU A 213 -9.44 41.74 3.07
N THR A 214 -8.69 42.82 3.14
CA THR A 214 -8.35 43.59 1.94
C THR A 214 -6.96 43.19 1.49
N ALA A 215 -6.47 43.82 0.43
CA ALA A 215 -5.15 43.50 -0.08
C ALA A 215 -4.16 43.34 1.08
N ARG A 216 -4.13 44.36 1.94
CA ARG A 216 -3.25 44.40 3.10
C ARG A 216 -3.86 43.88 4.39
N GLU A 217 -4.28 44.78 5.25
CA GLU A 217 -4.86 44.43 6.54
C GLU A 217 -6.19 43.64 6.46
N ALA A 218 -6.80 43.50 7.63
CA ALA A 218 -8.10 42.86 7.81
C ALA A 218 -8.81 43.83 8.76
N ARG A 219 -10.04 44.21 8.45
CA ARG A 219 -10.73 45.13 9.34
C ARG A 219 -12.11 44.68 9.77
N LEU A 220 -12.64 45.35 10.79
CA LEU A 220 -13.98 45.04 11.28
C LEU A 220 -15.01 45.99 10.68
N VAL A 221 -15.98 45.45 9.95
CA VAL A 221 -17.04 46.28 9.39
C VAL A 221 -18.40 45.92 9.91
N THR A 222 -19.35 46.81 9.67
CA THR A 222 -20.73 46.57 10.03
C THR A 222 -21.44 46.64 8.69
N VAL A 223 -22.27 45.66 8.39
CA VAL A 223 -22.97 45.68 7.12
C VAL A 223 -24.47 45.69 7.35
N ASP A 224 -25.12 46.81 7.08
CA ASP A 224 -26.56 46.87 7.27
C ASP A 224 -27.20 46.09 6.14
N PRO A 225 -27.82 44.96 6.48
CA PRO A 225 -28.46 44.16 5.43
C PRO A 225 -29.59 44.89 4.70
N ARG A 226 -30.38 45.64 5.46
CA ARG A 226 -31.52 46.36 4.89
C ARG A 226 -31.17 47.12 3.62
N ASP A 227 -29.88 47.36 3.38
CA ASP A 227 -29.45 48.01 2.14
C ASP A 227 -28.15 47.44 1.58
N GLY A 228 -27.09 47.45 2.40
CA GLY A 228 -25.81 46.93 1.96
C GLY A 228 -24.70 47.87 2.35
N SER A 229 -25.04 48.86 3.15
CA SER A 229 -24.09 49.85 3.63
C SER A 229 -23.03 49.14 4.47
N VAL A 230 -21.79 49.59 4.33
CA VAL A 230 -20.65 49.06 5.07
C VAL A 230 -19.91 50.18 5.78
N GLU A 231 -19.59 49.96 7.04
CA GLU A 231 -18.84 50.95 7.80
C GLU A 231 -17.98 50.24 8.84
N ASP A 232 -16.83 50.84 9.14
CA ASP A 232 -15.87 50.29 10.10
C ASP A 232 -16.50 50.19 11.45
N LEU A 233 -16.44 49.03 12.08
CA LEU A 233 -17.03 48.92 13.40
C LEU A 233 -16.09 49.57 14.39
N GLU A 234 -16.64 50.34 15.34
CA GLU A 234 -15.83 51.00 16.37
C GLU A 234 -16.00 50.19 17.64
N LEU A 235 -14.91 49.76 18.24
CA LEU A 235 -15.06 48.97 19.45
C LEU A 235 -14.86 49.82 20.71
N PRO A 236 -15.34 49.31 21.86
CA PRO A 236 -15.23 49.98 23.15
C PRO A 236 -13.77 50.15 23.55
N SER A 237 -12.99 49.10 23.34
CA SER A 237 -11.58 49.19 23.66
C SER A 237 -10.79 49.35 22.37
N LYS A 238 -9.75 50.17 22.42
CA LYS A 238 -8.93 50.45 21.24
C LYS A 238 -7.71 49.52 21.04
N ASP A 239 -7.45 48.65 22.01
CA ASP A 239 -6.32 47.75 21.88
C ASP A 239 -6.37 47.15 20.47
N PHE A 240 -7.38 46.31 20.23
CA PHE A 240 -7.57 45.66 18.93
C PHE A 240 -7.21 46.50 17.71
N SER A 241 -7.83 47.65 17.58
CA SER A 241 -7.60 48.51 16.43
C SER A 241 -6.17 48.96 16.22
N SER A 242 -5.31 48.74 17.20
CA SER A 242 -3.91 49.16 17.06
C SER A 242 -2.95 48.00 16.76
N TYR A 243 -3.49 46.83 16.39
CA TYR A 243 -2.64 45.69 16.13
C TYR A 243 -2.44 45.37 14.66
N ARG A 244 -3.34 45.87 13.82
CA ARG A 244 -3.20 45.65 12.38
C ARG A 244 -3.17 44.17 11.96
N PRO A 245 -4.21 43.41 12.29
CA PRO A 245 -4.23 42.00 11.92
C PRO A 245 -4.40 41.76 10.42
N THR A 246 -3.89 40.63 9.97
CA THR A 246 -3.94 40.25 8.57
C THR A 246 -5.24 39.49 8.19
N ALA A 247 -5.81 38.79 9.16
CA ALA A 247 -7.03 38.02 8.93
C ALA A 247 -7.84 37.91 10.20
N ILE A 248 -9.09 37.50 10.06
CA ILE A 248 -9.89 37.30 11.25
C ILE A 248 -10.42 35.87 11.19
N THR A 249 -9.88 35.01 12.06
CA THR A 249 -10.29 33.62 12.13
C THR A 249 -11.79 33.44 12.39
N TRP A 250 -12.28 34.14 13.40
CA TRP A 250 -13.66 34.01 13.80
C TRP A 250 -13.99 35.19 14.70
N LEU A 251 -15.27 35.53 14.76
CA LEU A 251 -15.74 36.60 15.62
C LEU A 251 -17.16 36.20 16.01
N GLY A 252 -17.67 36.78 17.08
CA GLY A 252 -19.01 36.40 17.48
C GLY A 252 -19.44 37.00 18.80
N TYR A 253 -20.75 37.16 18.94
CA TYR A 253 -21.28 37.74 20.15
C TYR A 253 -21.52 36.73 21.23
N LEU A 254 -21.06 37.06 22.44
CA LEU A 254 -21.27 36.18 23.57
C LEU A 254 -22.70 36.46 24.07
N PRO A 255 -23.23 35.61 24.97
CA PRO A 255 -24.58 35.84 25.49
C PRO A 255 -24.78 37.21 26.10
N ASP A 256 -23.74 37.73 26.74
CA ASP A 256 -23.81 39.03 27.38
C ASP A 256 -23.60 40.24 26.46
N GLY A 257 -23.58 40.00 25.15
CA GLY A 257 -23.39 41.09 24.20
C GLY A 257 -21.95 41.46 23.83
N ARG A 258 -20.99 41.12 24.67
CA ARG A 258 -19.61 41.43 24.34
C ARG A 258 -19.20 40.78 23.00
N LEU A 259 -18.43 41.51 22.18
CA LEU A 259 -17.98 41.00 20.88
C LEU A 259 -16.64 40.28 21.00
N ALA A 260 -16.64 39.00 20.63
CA ALA A 260 -15.42 38.20 20.69
C ALA A 260 -14.84 38.12 19.31
N VAL A 261 -13.54 38.35 19.20
CA VAL A 261 -12.88 38.31 17.91
C VAL A 261 -11.57 37.59 18.03
N VAL A 262 -11.21 36.83 17.01
CA VAL A 262 -9.92 36.15 17.00
C VAL A 262 -9.28 36.66 15.73
N ALA A 263 -8.19 37.40 15.86
CA ALA A 263 -7.52 37.90 14.69
C ALA A 263 -6.14 37.26 14.56
N ARG A 264 -5.64 37.12 13.33
CA ARG A 264 -4.32 36.53 13.11
C ARG A 264 -3.44 37.26 12.09
N ARG A 265 -2.12 37.12 12.26
CA ARG A 265 -1.16 37.71 11.36
C ARG A 265 0.12 36.93 11.50
N GLU A 266 0.78 36.65 10.38
CA GLU A 266 2.02 35.87 10.35
C GLU A 266 1.94 34.48 11.01
N GLY A 267 0.77 33.84 10.95
CA GLY A 267 0.59 32.51 11.50
C GLY A 267 0.19 32.32 12.96
N ARG A 268 0.02 33.43 13.68
CA ARG A 268 -0.40 33.36 15.09
C ARG A 268 -1.56 34.33 15.31
N SER A 269 -2.46 33.97 16.22
CA SER A 269 -3.62 34.82 16.52
C SER A 269 -3.67 35.39 17.94
N ALA A 270 -4.59 36.34 18.12
CA ALA A 270 -4.82 36.97 19.39
C ALA A 270 -6.33 36.97 19.52
N VAL A 271 -6.80 37.06 20.75
CA VAL A 271 -8.21 37.03 21.04
C VAL A 271 -8.58 38.34 21.68
N PHE A 272 -9.61 38.98 21.14
CA PHE A 272 -10.04 40.21 21.74
C PHE A 272 -11.49 40.10 22.14
N ILE A 273 -11.83 40.77 23.22
CA ILE A 273 -13.18 40.80 23.73
C ILE A 273 -13.50 42.29 23.80
N ASP A 274 -14.46 42.72 22.96
CA ASP A 274 -14.87 44.12 22.86
C ASP A 274 -13.66 45.00 22.60
N GLY A 275 -12.72 44.50 21.80
CA GLY A 275 -11.53 45.28 21.50
C GLY A 275 -10.39 45.20 22.51
N GLU A 276 -10.64 44.57 23.66
CA GLU A 276 -9.66 44.41 24.74
C GLU A 276 -8.95 43.04 24.60
N ARG A 277 -7.65 43.05 24.29
CA ARG A 277 -6.94 41.79 24.13
C ARG A 277 -6.88 40.98 25.39
N VAL A 278 -7.24 39.70 25.30
CA VAL A 278 -7.25 38.78 26.45
C VAL A 278 -6.04 37.88 26.25
N GLU A 279 -5.27 37.60 27.29
CA GLU A 279 -4.11 36.74 27.12
C GLU A 279 -4.53 35.33 26.77
N ALA A 280 -3.81 34.73 25.83
CA ALA A 280 -4.09 33.37 25.37
C ALA A 280 -2.76 32.75 24.95
N PRO A 281 -2.59 31.43 25.14
CA PRO A 281 -1.32 30.81 24.74
C PRO A 281 -0.95 31.14 23.31
N GLN A 282 0.34 31.14 23.02
CA GLN A 282 0.80 31.42 21.68
C GLN A 282 0.44 30.26 20.78
N GLY A 283 0.06 30.58 19.55
CA GLY A 283 -0.34 29.57 18.57
C GLY A 283 -1.53 30.11 17.83
N ASN A 284 -2.62 29.33 17.77
CA ASN A 284 -3.84 29.77 17.08
C ASN A 284 -5.07 29.32 17.87
N HIS A 285 -6.13 30.13 17.87
CA HIS A 285 -7.36 29.81 18.61
C HIS A 285 -8.63 29.67 17.79
N GLY A 286 -9.52 28.79 18.22
CA GLY A 286 -10.77 28.58 17.51
C GLY A 286 -11.79 29.62 17.96
N ARG A 287 -13.03 29.19 18.16
CA ARG A 287 -14.04 30.15 18.59
C ARG A 287 -13.97 30.35 20.11
N VAL A 288 -14.49 31.48 20.58
CA VAL A 288 -14.51 31.77 21.99
C VAL A 288 -15.93 31.64 22.54
N VAL A 289 -16.11 30.95 23.66
CA VAL A 289 -17.45 30.84 24.23
C VAL A 289 -17.40 31.27 25.69
N LEU A 290 -18.56 31.65 26.19
CA LEU A 290 -18.70 32.08 27.55
C LEU A 290 -19.21 30.81 28.23
N TRP A 291 -18.52 30.37 29.28
CA TRP A 291 -18.91 29.16 29.99
C TRP A 291 -18.86 29.50 31.47
N ARG A 292 -19.99 29.36 32.16
CA ARG A 292 -20.06 29.69 33.59
C ARG A 292 -19.35 31.02 33.85
N GLY A 293 -19.54 32.00 32.98
CA GLY A 293 -18.90 33.30 33.20
C GLY A 293 -17.50 33.40 32.62
N LYS A 294 -16.78 32.28 32.61
CA LYS A 294 -15.42 32.22 32.10
C LYS A 294 -15.34 32.09 30.56
N LEU A 295 -14.17 32.39 29.99
CA LEU A 295 -13.90 32.34 28.55
C LEU A 295 -13.14 31.08 28.10
N VAL A 296 -13.73 30.32 27.19
CA VAL A 296 -13.09 29.10 26.70
C VAL A 296 -12.82 29.23 25.19
N THR A 297 -11.76 28.60 24.73
CA THR A 297 -11.42 28.64 23.33
C THR A 297 -10.58 27.44 23.06
N SER A 298 -10.23 27.21 21.80
CA SER A 298 -9.38 26.08 21.46
C SER A 298 -8.03 26.65 21.10
N HIS A 299 -7.00 25.94 21.54
CA HIS A 299 -5.65 26.37 21.29
C HIS A 299 -4.91 25.29 20.54
N THR A 300 -4.00 25.72 19.68
CA THR A 300 -3.16 24.82 18.90
C THR A 300 -1.82 25.47 18.56
N SER A 301 -0.82 24.66 18.23
CA SER A 301 0.50 25.17 17.88
C SER A 301 1.31 24.04 17.27
N LEU A 302 2.32 24.39 16.48
CA LEU A 302 3.15 23.37 15.86
C LEU A 302 3.60 22.31 16.88
N SER A 303 3.58 22.65 18.17
CA SER A 303 4.02 21.69 19.17
C SER A 303 2.92 21.39 20.19
N THR A 304 1.67 21.64 19.81
CA THR A 304 0.52 21.43 20.69
C THR A 304 -0.74 21.02 19.96
N PRO A 305 -1.12 19.74 20.08
CA PRO A 305 -2.34 19.29 19.38
C PRO A 305 -3.55 20.11 19.84
N PRO A 306 -4.54 20.27 18.95
CA PRO A 306 -5.73 21.05 19.30
C PRO A 306 -6.29 20.63 20.67
N ARG A 307 -6.35 21.61 21.56
CA ARG A 307 -6.83 21.40 22.92
C ARG A 307 -7.82 22.51 23.25
N ILE A 308 -8.40 22.45 24.45
CA ILE A 308 -9.35 23.47 24.86
C ILE A 308 -8.93 24.05 26.20
N VAL A 309 -8.58 25.34 26.20
CA VAL A 309 -8.11 26.00 27.38
C VAL A 309 -9.00 27.10 27.91
N SER A 310 -8.67 27.57 29.11
CA SER A 310 -9.42 28.66 29.72
C SER A 310 -8.62 29.92 29.47
N LEU A 311 -9.31 31.06 29.36
CA LEU A 311 -8.63 32.32 29.13
C LEU A 311 -9.00 33.21 30.31
N PRO A 312 -8.06 34.06 30.77
CA PRO A 312 -6.69 34.26 30.25
C PRO A 312 -5.62 33.32 30.76
N SER A 313 -5.91 32.48 31.73
CA SER A 313 -4.90 31.59 32.28
C SER A 313 -4.25 30.64 31.30
N GLY A 314 -5.02 30.12 30.36
CA GLY A 314 -4.46 29.18 29.42
C GLY A 314 -4.58 27.80 30.01
N GLU A 315 -5.07 27.71 31.24
CA GLU A 315 -5.25 26.40 31.84
C GLU A 315 -6.09 25.54 30.89
N PRO A 316 -5.70 24.28 30.69
CA PRO A 316 -6.41 23.37 29.79
C PRO A 316 -7.59 22.63 30.39
N LEU A 317 -8.71 22.60 29.67
CA LEU A 317 -9.91 21.91 30.12
C LEU A 317 -9.87 20.47 29.66
N LEU A 318 -9.57 20.32 28.38
CA LEU A 318 -9.51 19.02 27.72
C LEU A 318 -8.29 19.08 26.81
N GLU A 319 -7.42 18.07 26.89
CA GLU A 319 -6.19 18.06 26.09
C GLU A 319 -5.49 16.71 26.05
N GLY A 320 -5.09 16.31 24.85
CA GLY A 320 -4.36 15.07 24.69
C GLY A 320 -2.92 15.51 24.83
N GLY A 321 -2.31 15.22 25.97
CA GLY A 321 -0.91 15.60 26.19
C GLY A 321 0.04 14.97 25.19
N LEU A 322 0.96 15.76 24.64
CA LEU A 322 1.94 15.23 23.69
C LEU A 322 3.16 14.82 24.51
N PRO A 323 3.55 13.54 24.43
CA PRO A 323 4.67 12.92 25.14
C PRO A 323 5.99 13.69 25.05
N GLU A 324 6.82 13.52 26.07
CA GLU A 324 8.12 14.21 26.13
C GLU A 324 9.03 13.88 24.95
N ASP A 325 9.30 12.59 24.73
CA ASP A 325 10.18 12.18 23.64
C ASP A 325 9.69 12.79 22.34
N LEU A 326 8.50 12.39 21.89
CA LEU A 326 7.92 12.93 20.66
C LEU A 326 7.93 14.46 20.65
N ARG A 327 7.72 15.07 21.82
CA ARG A 327 7.73 16.52 21.94
C ARG A 327 9.13 16.96 21.57
N ARG A 328 10.12 16.16 21.97
CA ARG A 328 11.53 16.47 21.73
C ARG A 328 12.06 16.30 20.32
N SER A 329 11.27 15.70 19.42
CA SER A 329 11.72 15.51 18.05
C SER A 329 11.63 16.77 17.18
N ILE A 330 10.96 17.81 17.67
CA ILE A 330 10.89 19.10 16.96
C ILE A 330 11.97 19.95 17.65
N ALA A 331 13.17 19.97 17.07
CA ALA A 331 14.29 20.72 17.66
C ALA A 331 14.08 22.22 17.67
N GLY A 332 13.26 22.71 16.75
CA GLY A 332 13.01 24.13 16.69
C GLY A 332 12.04 24.41 15.59
N SER A 333 11.81 25.68 15.31
CA SER A 333 10.91 26.07 14.24
C SER A 333 11.04 27.55 13.99
N ARG A 334 10.92 27.92 12.72
CA ARG A 334 11.03 29.31 12.36
C ARG A 334 10.02 29.65 11.29
N LEU A 335 9.83 30.95 11.12
CA LEU A 335 8.99 31.46 10.07
C LEU A 335 10.02 32.14 9.17
N VAL A 336 10.13 31.68 7.94
CA VAL A 336 11.08 32.28 7.05
C VAL A 336 10.34 32.88 5.88
N TRP A 337 11.02 33.76 5.19
CA TRP A 337 10.46 34.45 4.07
C TRP A 337 11.21 34.12 2.81
N VAL A 338 10.95 32.93 2.28
CA VAL A 338 11.60 32.47 1.06
C VAL A 338 11.43 33.48 -0.04
N GLU A 339 12.51 33.71 -0.76
CA GLU A 339 12.55 34.65 -1.89
C GLU A 339 12.06 33.94 -3.17
N SER A 340 10.87 34.29 -3.66
CA SER A 340 10.36 33.65 -4.86
C SER A 340 10.88 34.16 -6.19
N PHE A 341 10.37 33.59 -7.28
CA PHE A 341 10.77 33.91 -8.66
C PHE A 341 10.50 35.34 -9.14
N ASP A 342 9.37 35.89 -8.73
CA ASP A 342 8.99 37.24 -9.14
C ASP A 342 9.39 38.29 -8.10
N GLY A 343 10.15 37.89 -7.10
CA GLY A 343 10.52 38.84 -6.07
C GLY A 343 9.54 38.76 -4.92
N SER A 344 8.53 37.90 -5.06
CA SER A 344 7.55 37.73 -3.99
C SER A 344 8.16 37.06 -2.76
N ARG A 345 7.55 37.35 -1.61
CA ARG A 345 7.99 36.79 -0.37
C ARG A 345 6.98 35.77 0.10
N VAL A 346 7.45 34.53 0.16
CA VAL A 346 6.67 33.37 0.56
C VAL A 346 6.85 33.02 2.07
N PRO A 347 5.91 33.43 2.92
CA PRO A 347 6.15 33.07 4.32
C PRO A 347 6.20 31.55 4.41
N THR A 348 7.25 31.04 5.02
CA THR A 348 7.41 29.61 5.15
C THR A 348 7.76 29.16 6.55
N TYR A 349 7.01 28.18 7.05
CA TYR A 349 7.28 27.65 8.37
C TYR A 349 8.19 26.46 8.17
N VAL A 350 9.24 26.42 8.98
CA VAL A 350 10.24 25.37 8.91
C VAL A 350 10.24 24.63 10.22
N LEU A 351 10.64 23.37 10.21
CA LEU A 351 10.74 22.56 11.44
C LEU A 351 12.02 21.75 11.35
N GLU A 352 13.02 22.09 12.17
CA GLU A 352 14.24 21.33 12.20
C GLU A 352 13.87 20.09 12.99
N SER A 353 14.31 18.91 12.55
CA SER A 353 14.01 17.71 13.31
C SER A 353 15.17 17.43 14.25
N GLY A 354 14.89 17.12 15.51
CA GLY A 354 15.94 16.83 16.46
C GLY A 354 16.70 15.56 16.13
N ARG A 355 16.21 14.82 15.12
CA ARG A 355 16.82 13.54 14.73
C ARG A 355 17.50 13.55 13.35
N ALA A 356 17.81 14.72 12.83
CA ALA A 356 18.48 14.81 11.54
C ALA A 356 19.68 15.76 11.67
N PRO A 357 20.68 15.62 10.80
CA PRO A 357 21.81 16.54 10.92
C PRO A 357 21.47 17.80 10.13
N THR A 358 22.32 18.82 10.24
CA THR A 358 22.14 20.04 9.47
C THR A 358 23.46 20.33 8.80
N PRO A 359 23.50 20.30 7.46
CA PRO A 359 22.37 20.01 6.60
C PRO A 359 21.90 18.58 6.79
N GLY A 360 20.74 18.27 6.23
CA GLY A 360 20.23 16.93 6.39
C GLY A 360 19.01 16.78 5.52
N PRO A 361 18.30 15.63 5.65
CA PRO A 361 17.09 15.24 4.92
C PRO A 361 15.91 16.18 5.16
N THR A 362 15.44 16.80 4.08
CA THR A 362 14.37 17.76 4.17
C THR A 362 13.18 17.47 3.27
N VAL A 363 11.99 17.77 3.78
CA VAL A 363 10.74 17.58 3.06
C VAL A 363 9.99 18.87 2.91
N VAL A 364 9.74 19.25 1.67
CA VAL A 364 8.92 20.43 1.39
C VAL A 364 7.50 19.85 1.44
N LEU A 365 6.83 20.03 2.58
CA LEU A 365 5.48 19.51 2.76
C LEU A 365 4.47 20.57 2.31
N VAL A 366 3.82 20.35 1.17
CA VAL A 366 2.87 21.33 0.62
C VAL A 366 1.44 21.27 1.08
N HIS A 367 1.00 22.34 1.72
CA HIS A 367 -0.37 22.42 2.22
C HIS A 367 -1.42 22.30 1.10
N GLY A 368 -2.60 21.83 1.46
CA GLY A 368 -3.66 21.70 0.50
C GLY A 368 -4.47 22.98 0.44
N GLY A 369 -5.67 22.90 -0.14
CA GLY A 369 -6.52 24.06 -0.26
C GLY A 369 -7.05 24.31 -1.67
N PRO A 370 -6.45 25.24 -2.40
CA PRO A 370 -5.31 26.07 -1.99
C PRO A 370 -5.56 27.10 -0.90
N PHE A 371 -6.82 27.44 -0.66
CA PHE A 371 -7.11 28.47 0.36
C PHE A 371 -6.96 27.96 1.78
N ALA A 372 -5.72 27.69 2.17
CA ALA A 372 -5.43 27.24 3.51
C ALA A 372 -4.11 27.91 3.80
N GLU A 373 -3.46 27.58 4.89
CA GLU A 373 -2.17 28.18 5.16
C GLU A 373 -1.39 27.36 6.17
N ASP A 374 -0.07 27.45 6.12
CA ASP A 374 0.77 26.75 7.09
C ASP A 374 1.03 27.78 8.16
N SER A 375 0.55 27.48 9.35
CA SER A 375 0.65 28.41 10.46
C SER A 375 1.15 27.75 11.71
N ASP A 376 1.21 28.55 12.77
CA ASP A 376 1.65 28.01 14.04
C ASP A 376 0.46 27.18 14.53
N SER A 377 0.28 26.00 13.93
CA SER A 377 -0.82 25.10 14.31
C SER A 377 -0.40 23.61 14.20
N TRP A 378 -0.85 22.78 15.12
CA TRP A 378 -0.47 21.39 15.08
C TRP A 378 -0.73 20.78 13.70
N ASP A 379 0.30 20.10 13.20
CA ASP A 379 0.28 19.40 11.90
C ASP A 379 0.88 18.00 12.13
N THR A 380 0.05 16.97 12.02
CA THR A 380 0.47 15.58 12.26
C THR A 380 1.57 15.05 11.34
N PHE A 381 1.49 15.47 10.08
CA PHE A 381 2.41 15.05 9.03
C PHE A 381 3.80 15.58 9.27
N ALA A 382 3.91 16.87 9.52
CA ALA A 382 5.20 17.46 9.75
C ALA A 382 5.85 16.92 11.02
N ALA A 383 5.04 16.70 12.04
CA ALA A 383 5.51 16.18 13.34
C ALA A 383 6.11 14.78 13.20
N SER A 384 5.33 13.89 12.59
CA SER A 384 5.79 12.55 12.39
C SER A 384 7.02 12.59 11.47
N LEU A 385 7.02 13.52 10.52
CA LEU A 385 8.16 13.64 9.61
C LEU A 385 9.39 14.01 10.38
N ALA A 386 9.23 14.91 11.34
CA ALA A 386 10.35 15.32 12.18
C ALA A 386 10.77 14.05 12.92
N ALA A 387 9.78 13.35 13.47
CA ALA A 387 9.99 12.10 14.18
C ALA A 387 10.80 11.10 13.36
N ALA A 388 10.48 10.99 12.07
CA ALA A 388 11.19 10.06 11.20
C ALA A 388 12.59 10.52 10.76
N GLY A 389 13.02 11.71 11.21
CA GLY A 389 14.35 12.21 10.86
C GLY A 389 14.52 13.17 9.68
N PHE A 390 13.51 14.01 9.42
CA PHE A 390 13.54 14.96 8.31
C PHE A 390 13.11 16.34 8.72
N HIS A 391 13.85 17.35 8.27
CA HIS A 391 13.48 18.72 8.52
C HIS A 391 12.25 18.97 7.61
N VAL A 392 11.34 19.85 8.04
CA VAL A 392 10.12 20.12 7.28
C VAL A 392 9.92 21.61 6.88
N VAL A 393 9.70 21.84 5.59
CA VAL A 393 9.50 23.19 5.07
C VAL A 393 8.08 23.28 4.55
N MET A 394 7.34 24.26 5.07
CA MET A 394 5.93 24.47 4.76
C MET A 394 5.65 25.88 4.22
N PRO A 395 5.83 26.06 2.90
CA PRO A 395 5.62 27.34 2.21
C PRO A 395 4.20 27.77 1.90
N ASN A 396 3.85 28.98 2.32
CA ASN A 396 2.53 29.53 2.09
C ASN A 396 2.51 30.18 0.69
N TYR A 397 2.62 29.32 -0.32
CA TYR A 397 2.62 29.70 -1.73
C TYR A 397 1.45 30.60 -2.09
N ARG A 398 1.58 31.37 -3.17
CA ARG A 398 0.49 32.25 -3.56
C ARG A 398 -0.76 31.38 -3.77
N GLY A 399 -1.84 31.82 -3.12
CA GLY A 399 -3.09 31.10 -3.15
C GLY A 399 -3.47 30.79 -1.71
N SER A 400 -2.49 30.93 -0.82
CA SER A 400 -2.65 30.70 0.62
C SER A 400 -3.49 31.77 1.35
N THR A 401 -4.02 31.40 2.50
CA THR A 401 -4.78 32.33 3.32
C THR A 401 -3.79 32.90 4.37
N GLY A 402 -4.25 33.87 5.13
CA GLY A 402 -3.44 34.44 6.20
C GLY A 402 -2.44 35.55 5.91
N TYR A 403 -2.36 36.02 4.67
CA TYR A 403 -1.42 37.08 4.29
C TYR A 403 -2.01 38.16 3.38
N GLY A 404 -3.32 38.35 3.47
CA GLY A 404 -3.97 39.36 2.65
C GLY A 404 -4.76 38.80 1.49
N GLU A 405 -5.61 39.65 0.89
CA GLU A 405 -6.43 39.20 -0.24
C GLU A 405 -5.62 39.09 -1.52
N GLU A 406 -4.72 40.04 -1.72
CA GLU A 406 -3.91 40.04 -2.94
C GLU A 406 -3.10 38.78 -3.15
N TRP A 407 -2.45 38.33 -2.08
CA TRP A 407 -1.64 37.12 -2.12
C TRP A 407 -2.53 35.90 -2.31
N ARG A 408 -3.69 35.86 -1.66
CA ARG A 408 -4.60 34.73 -1.79
C ARG A 408 -5.14 34.54 -3.22
N LEU A 409 -5.58 35.62 -3.88
CA LEU A 409 -6.15 35.55 -5.25
C LEU A 409 -5.17 35.44 -6.42
N LYS A 410 -3.87 35.56 -6.16
CA LYS A 410 -2.88 35.47 -7.22
C LYS A 410 -2.87 34.09 -7.88
N ILE A 411 -3.62 33.15 -7.34
CA ILE A 411 -3.61 31.81 -7.90
C ILE A 411 -4.75 31.57 -8.87
N ILE A 412 -5.73 32.46 -8.82
CA ILE A 412 -6.92 32.31 -9.64
C ILE A 412 -6.58 32.25 -11.12
N GLY A 413 -7.02 31.18 -11.78
CA GLY A 413 -6.75 31.00 -13.19
C GLY A 413 -5.30 30.63 -13.49
N ASP A 414 -4.48 30.48 -12.45
CA ASP A 414 -3.08 30.13 -12.66
C ASP A 414 -2.58 28.98 -11.80
N PRO A 415 -3.24 27.81 -11.89
CA PRO A 415 -2.78 26.67 -11.10
C PRO A 415 -1.60 25.98 -11.82
N CYS A 416 -0.64 25.46 -11.06
CA CYS A 416 0.56 24.85 -11.63
C CYS A 416 1.23 25.93 -12.49
N GLY A 417 1.39 27.08 -11.85
CA GLY A 417 2.02 28.24 -12.43
C GLY A 417 2.81 28.95 -11.34
N GLY A 418 2.29 30.06 -10.82
CA GLY A 418 3.00 30.81 -9.79
C GLY A 418 3.23 30.15 -8.44
N GLU A 419 2.20 29.50 -7.90
CA GLU A 419 2.34 28.87 -6.59
C GLU A 419 3.44 27.81 -6.67
N LEU A 420 3.46 27.06 -7.76
CA LEU A 420 4.48 26.03 -7.95
C LEU A 420 5.90 26.64 -7.95
N GLU A 421 5.99 27.88 -8.44
CA GLU A 421 7.25 28.60 -8.48
C GLU A 421 7.66 28.96 -7.06
N ASP A 422 6.67 29.16 -6.19
CA ASP A 422 6.89 29.49 -4.78
C ASP A 422 7.33 28.24 -4.03
N VAL A 423 6.78 27.11 -4.42
CA VAL A 423 7.17 25.84 -3.79
C VAL A 423 8.66 25.52 -4.14
N SER A 424 9.01 25.72 -5.42
CA SER A 424 10.38 25.45 -5.89
C SER A 424 11.38 26.29 -5.11
N ALA A 425 11.00 27.55 -4.89
CA ALA A 425 11.84 28.49 -4.17
C ALA A 425 12.05 28.00 -2.73
N ALA A 426 11.02 27.42 -2.12
CA ALA A 426 11.16 26.95 -0.75
C ALA A 426 12.25 25.87 -0.74
N ALA A 427 12.30 25.09 -1.82
CA ALA A 427 13.30 24.05 -1.96
C ALA A 427 14.63 24.75 -2.11
N ARG A 428 14.70 25.70 -3.03
CA ARG A 428 15.92 26.46 -3.29
C ARG A 428 16.41 27.08 -1.99
N TRP A 429 15.47 27.55 -1.19
CA TRP A 429 15.84 28.14 0.07
C TRP A 429 16.42 27.08 1.02
N ALA A 430 15.73 25.94 1.10
CA ALA A 430 16.14 24.84 1.99
C ALA A 430 17.56 24.39 1.68
N ARG A 431 17.89 24.34 0.39
CA ARG A 431 19.20 23.91 -0.05
C ARG A 431 20.27 25.00 0.14
N GLU A 432 20.00 26.20 -0.32
CA GLU A 432 20.99 27.28 -0.18
C GLU A 432 21.17 27.85 1.22
N SER A 433 20.19 27.66 2.08
CA SER A 433 20.28 28.18 3.44
C SER A 433 21.14 27.31 4.36
N GLY A 434 21.49 26.10 3.91
CA GLY A 434 22.28 25.18 4.71
C GLY A 434 21.47 24.09 5.42
N LEU A 435 20.14 24.23 5.46
CA LEU A 435 19.26 23.25 6.09
C LEU A 435 19.16 21.88 5.41
N ALA A 436 19.15 21.88 4.08
CA ALA A 436 19.00 20.65 3.31
C ALA A 436 20.22 19.97 2.75
N SER A 437 20.23 18.65 2.86
CA SER A 437 21.32 17.88 2.29
C SER A 437 20.68 17.13 1.12
N GLU A 438 19.36 16.98 1.16
CA GLU A 438 18.59 16.31 0.10
C GLU A 438 17.14 16.79 0.20
N LEU A 439 16.41 16.76 -0.90
CA LEU A 439 15.04 17.28 -0.92
C LEU A 439 13.91 16.41 -1.49
N TYR A 440 12.78 16.39 -0.76
CA TYR A 440 11.60 15.62 -1.15
C TYR A 440 10.37 16.47 -1.10
N ILE A 441 9.38 16.16 -1.92
CA ILE A 441 8.13 16.90 -1.90
C ILE A 441 7.06 15.90 -1.47
N MET A 442 6.16 16.36 -0.62
CA MET A 442 5.08 15.55 -0.07
C MET A 442 3.87 16.46 0.21
N GLY A 443 2.66 15.98 -0.04
CA GLY A 443 1.47 16.77 0.17
C GLY A 443 0.21 15.98 -0.11
N TYR A 444 -0.87 16.39 0.52
CA TYR A 444 -2.16 15.73 0.37
C TYR A 444 -3.10 16.75 -0.28
N SER A 445 -3.88 16.33 -1.27
CA SER A 445 -4.84 17.22 -1.92
C SER A 445 -4.19 18.16 -2.90
N TYR A 446 -4.38 19.48 -2.72
CA TYR A 446 -3.74 20.41 -3.62
C TYR A 446 -2.24 20.20 -3.41
N GLY A 447 -1.86 19.81 -2.20
CA GLY A 447 -0.46 19.56 -1.91
C GLY A 447 0.05 18.39 -2.76
N GLY A 448 -0.77 17.36 -2.88
CA GLY A 448 -0.42 16.20 -3.67
C GLY A 448 -0.51 16.50 -5.15
N TYR A 449 -1.29 17.54 -5.49
CA TYR A 449 -1.41 17.98 -6.86
C TYR A 449 -0.07 18.62 -7.18
N MET A 450 0.41 19.42 -6.22
CA MET A 450 1.69 20.10 -6.31
C MET A 450 2.84 19.11 -6.44
N THR A 451 2.77 17.96 -5.78
CA THR A 451 3.86 17.00 -5.88
C THR A 451 3.91 16.57 -7.32
N LEU A 452 2.73 16.30 -7.87
CA LEU A 452 2.59 15.88 -9.25
C LEU A 452 2.99 16.98 -10.25
N CYS A 453 2.78 18.23 -9.86
CA CYS A 453 3.16 19.32 -10.73
C CYS A 453 4.68 19.49 -10.64
N ALA A 454 5.26 19.27 -9.46
CA ALA A 454 6.71 19.43 -9.29
C ALA A 454 7.49 18.35 -10.02
N LEU A 455 7.08 17.11 -9.83
CA LEU A 455 7.77 15.99 -10.46
C LEU A 455 7.75 16.03 -12.00
N THR A 456 6.65 16.53 -12.56
CA THR A 456 6.48 16.65 -14.00
C THR A 456 7.08 17.91 -14.64
N MET A 457 6.65 19.08 -14.18
CA MET A 457 7.15 20.35 -14.71
C MET A 457 8.60 20.62 -14.33
N LYS A 458 8.97 20.23 -13.11
CA LYS A 458 10.33 20.46 -12.62
C LYS A 458 11.15 19.25 -12.19
N PRO A 459 11.37 18.31 -13.11
CA PRO A 459 12.17 17.14 -12.71
C PRO A 459 13.53 17.60 -12.29
N GLY A 460 14.15 16.83 -11.41
CA GLY A 460 15.48 17.20 -10.94
C GLY A 460 15.46 18.02 -9.66
N LEU A 461 14.35 18.72 -9.40
CA LEU A 461 14.30 19.52 -8.19
C LEU A 461 14.35 18.64 -6.95
N PHE A 462 13.44 17.67 -6.83
CA PHE A 462 13.39 16.76 -5.67
C PHE A 462 13.88 15.34 -5.94
N LYS A 463 14.35 14.68 -4.89
CA LYS A 463 14.83 13.31 -5.04
C LYS A 463 13.66 12.30 -5.24
N ALA A 464 12.47 12.68 -4.77
CA ALA A 464 11.28 11.84 -4.85
C ALA A 464 10.12 12.63 -4.24
N GLY A 465 8.90 12.14 -4.43
CA GLY A 465 7.77 12.85 -3.90
C GLY A 465 6.62 11.95 -3.56
N VAL A 466 5.84 12.39 -2.57
CA VAL A 466 4.67 11.70 -2.08
C VAL A 466 3.40 12.51 -2.39
N ALA A 467 2.51 11.95 -3.20
CA ALA A 467 1.27 12.62 -3.52
C ALA A 467 0.06 11.86 -2.95
N GLY A 468 -0.61 12.47 -1.97
CA GLY A 468 -1.78 11.88 -1.33
C GLY A 468 -3.05 12.59 -1.72
N ALA A 469 -4.10 11.80 -1.98
CA ALA A 469 -5.43 12.29 -2.40
C ALA A 469 -5.21 13.50 -3.28
N SER A 470 -4.43 13.29 -4.34
CA SER A 470 -4.04 14.33 -5.29
C SER A 470 -4.96 14.65 -6.47
N VAL A 471 -4.82 15.87 -6.99
CA VAL A 471 -5.60 16.32 -8.14
C VAL A 471 -4.78 15.79 -9.33
N VAL A 472 -5.46 15.16 -10.31
CA VAL A 472 -4.76 14.56 -11.45
C VAL A 472 -5.14 15.07 -12.84
N ASP A 473 -6.39 15.48 -13.01
CA ASP A 473 -6.86 15.98 -14.29
C ASP A 473 -8.08 16.83 -14.01
N TRP A 474 -7.97 18.14 -14.25
CA TRP A 474 -9.08 19.04 -14.00
C TRP A 474 -10.30 18.69 -14.86
N GLU A 475 -10.08 18.28 -16.11
CA GLU A 475 -11.18 17.95 -17.01
C GLU A 475 -12.05 16.83 -16.44
N GLU A 476 -11.46 15.67 -16.23
CA GLU A 476 -12.20 14.53 -15.69
C GLU A 476 -12.73 14.76 -14.26
N MET A 477 -11.88 15.25 -13.36
CA MET A 477 -12.31 15.51 -12.00
C MET A 477 -13.55 16.38 -12.04
N TYR A 478 -13.55 17.29 -13.00
CA TYR A 478 -14.66 18.21 -13.17
C TYR A 478 -15.95 17.46 -13.48
N GLU A 479 -15.92 16.61 -14.50
CA GLU A 479 -17.11 15.87 -14.90
C GLU A 479 -17.53 14.81 -13.88
N LEU A 480 -16.78 14.70 -12.80
CA LEU A 480 -17.09 13.73 -11.77
C LEU A 480 -17.44 14.48 -10.48
N SER A 481 -17.47 15.81 -10.57
CA SER A 481 -17.77 16.68 -9.42
C SER A 481 -19.21 17.13 -9.20
N ASP A 482 -19.57 17.31 -7.93
CA ASP A 482 -20.90 17.80 -7.54
C ASP A 482 -20.96 19.31 -7.82
N ALA A 483 -22.09 19.96 -7.54
CA ALA A 483 -22.19 21.39 -7.82
C ALA A 483 -21.16 22.29 -7.10
N ALA A 484 -20.77 21.95 -5.88
CA ALA A 484 -19.81 22.76 -5.14
C ALA A 484 -18.43 22.76 -5.77
N PHE A 485 -17.87 21.58 -6.02
CA PHE A 485 -16.53 21.51 -6.63
C PHE A 485 -16.44 21.97 -8.09
N ARG A 486 -17.41 21.57 -8.92
CA ARG A 486 -17.44 21.96 -10.33
C ARG A 486 -17.34 23.46 -10.39
N ASN A 487 -18.05 24.14 -9.50
CA ASN A 487 -17.99 25.58 -9.50
C ASN A 487 -16.64 26.05 -8.98
N PHE A 488 -16.19 25.44 -7.88
CA PHE A 488 -14.92 25.80 -7.30
C PHE A 488 -13.80 25.67 -8.34
N ILE A 489 -13.85 24.61 -9.15
CA ILE A 489 -12.85 24.36 -10.21
C ILE A 489 -12.98 25.43 -11.30
N GLU A 490 -14.21 25.83 -11.61
CA GLU A 490 -14.47 26.84 -12.63
C GLU A 490 -13.79 28.14 -12.19
N GLN A 491 -13.60 28.29 -10.88
CA GLN A 491 -12.95 29.48 -10.32
C GLN A 491 -11.44 29.41 -10.30
N LEU A 492 -10.89 28.26 -9.95
CA LEU A 492 -9.44 28.12 -9.89
C LEU A 492 -8.81 28.21 -11.26
N THR A 493 -9.46 27.54 -12.21
CA THR A 493 -8.98 27.46 -13.57
C THR A 493 -9.37 28.64 -14.46
N GLY A 494 -10.39 29.38 -14.04
CA GLY A 494 -10.85 30.47 -14.86
C GLY A 494 -11.84 29.84 -15.84
N GLY A 495 -11.97 28.51 -15.77
CA GLY A 495 -12.89 27.79 -16.62
C GLY A 495 -12.40 27.40 -18.01
N SER A 496 -11.27 27.97 -18.44
CA SER A 496 -10.73 27.66 -19.76
C SER A 496 -10.21 26.24 -19.83
N ARG A 497 -10.62 25.49 -20.85
CA ARG A 497 -10.15 24.12 -20.98
C ARG A 497 -8.70 24.02 -21.39
N GLU A 498 -8.11 25.16 -21.74
CA GLU A 498 -6.70 25.21 -22.11
C GLU A 498 -5.91 25.08 -20.80
N ILE A 499 -6.40 25.75 -19.75
CA ILE A 499 -5.74 25.66 -18.46
C ILE A 499 -5.96 24.29 -17.81
N MET A 500 -7.20 23.78 -17.87
CA MET A 500 -7.52 22.49 -17.28
C MET A 500 -6.67 21.41 -17.90
N ARG A 501 -6.46 21.49 -19.22
CA ARG A 501 -5.65 20.48 -19.89
C ARG A 501 -4.17 20.68 -19.63
N SER A 502 -3.66 21.87 -19.96
CA SER A 502 -2.24 22.15 -19.80
C SER A 502 -1.69 22.14 -18.34
N ARG A 503 -2.57 22.35 -17.35
CA ARG A 503 -2.17 22.34 -15.94
C ARG A 503 -2.56 21.04 -15.23
N SER A 504 -2.59 19.94 -15.98
CA SER A 504 -2.93 18.62 -15.44
C SER A 504 -1.75 17.71 -15.62
N PRO A 505 -1.13 17.26 -14.52
CA PRO A 505 0.03 16.38 -14.56
C PRO A 505 -0.18 15.18 -15.48
N ILE A 506 -1.41 14.66 -15.51
CA ILE A 506 -1.73 13.49 -16.33
C ILE A 506 -1.25 13.62 -17.77
N ASN A 507 -1.03 14.85 -18.19
CA ASN A 507 -0.62 15.10 -19.57
C ASN A 507 0.89 15.31 -19.80
N HIS A 508 1.66 15.45 -18.72
CA HIS A 508 3.11 15.62 -18.84
C HIS A 508 3.86 14.54 -18.07
N VAL A 509 3.36 13.31 -18.13
CA VAL A 509 3.97 12.20 -17.42
C VAL A 509 5.29 11.75 -18.02
N ASP A 510 5.47 12.01 -19.32
CA ASP A 510 6.71 11.64 -19.96
C ASP A 510 7.86 12.34 -19.29
N ARG A 511 7.58 13.48 -18.67
CA ARG A 511 8.64 14.27 -18.02
C ARG A 511 9.15 13.74 -16.70
N ILE A 512 8.39 12.87 -16.05
CA ILE A 512 8.79 12.37 -14.75
C ILE A 512 10.14 11.63 -14.74
N LYS A 513 10.95 11.96 -13.74
CA LYS A 513 12.26 11.33 -13.61
C LYS A 513 12.50 10.80 -12.21
N GLU A 514 11.65 11.12 -11.25
CA GLU A 514 11.86 10.65 -9.90
C GLU A 514 10.86 9.60 -9.39
N PRO A 515 11.22 8.88 -8.33
CA PRO A 515 10.35 7.86 -7.75
C PRO A 515 9.10 8.52 -7.14
N LEU A 516 7.93 7.98 -7.49
CA LEU A 516 6.65 8.49 -7.03
C LEU A 516 5.85 7.46 -6.20
N ALA A 517 5.24 7.94 -5.12
CA ALA A 517 4.43 7.11 -4.23
C ALA A 517 3.07 7.78 -4.21
N LEU A 518 2.07 7.07 -4.72
CA LEU A 518 0.72 7.58 -4.79
C LEU A 518 -0.10 6.98 -3.63
N ILE A 519 -0.76 7.81 -2.82
CA ILE A 519 -1.60 7.34 -1.70
C ILE A 519 -2.95 7.98 -1.98
N HIS A 520 -4.02 7.18 -2.06
CA HIS A 520 -5.34 7.70 -2.41
C HIS A 520 -6.50 6.96 -1.74
N PRO A 521 -7.49 7.71 -1.23
CA PRO A 521 -8.65 7.07 -0.58
C PRO A 521 -9.62 6.59 -1.69
N GLN A 522 -9.98 5.31 -1.67
CA GLN A 522 -10.83 4.76 -2.71
C GLN A 522 -12.14 5.48 -2.98
N ASN A 523 -12.73 6.04 -1.94
CA ASN A 523 -14.03 6.72 -2.11
C ASN A 523 -13.99 8.23 -2.06
N ASP A 524 -12.81 8.81 -2.23
CA ASP A 524 -12.65 10.23 -2.21
C ASP A 524 -13.54 10.86 -3.26
N SER A 525 -14.45 11.75 -2.85
CA SER A 525 -15.32 12.40 -3.80
C SER A 525 -14.88 13.85 -3.99
N ARG A 526 -13.71 14.19 -3.46
CA ARG A 526 -13.20 15.53 -3.66
C ARG A 526 -12.20 15.47 -4.79
N THR A 527 -11.32 14.46 -4.71
CA THR A 527 -10.27 14.18 -5.70
C THR A 527 -10.47 12.69 -5.97
N PRO A 528 -11.38 12.37 -6.90
CA PRO A 528 -11.72 11.00 -7.30
C PRO A 528 -10.57 10.08 -7.65
N LEU A 529 -10.74 8.79 -7.38
CA LEU A 529 -9.70 7.82 -7.67
C LEU A 529 -9.61 7.53 -9.19
N LYS A 530 -10.73 7.61 -9.89
CA LYS A 530 -10.68 7.24 -11.31
C LYS A 530 -9.51 7.79 -12.11
N PRO A 531 -9.24 9.12 -12.05
CA PRO A 531 -8.10 9.72 -12.78
C PRO A 531 -6.76 9.16 -12.30
N LEU A 532 -6.67 8.85 -11.02
CA LEU A 532 -5.44 8.33 -10.44
C LEU A 532 -5.11 6.93 -10.95
N LEU A 533 -6.14 6.19 -11.36
CA LEU A 533 -5.94 4.87 -11.93
C LEU A 533 -5.39 5.03 -13.36
N ARG A 534 -5.81 6.10 -14.05
CA ARG A 534 -5.33 6.38 -15.40
C ARG A 534 -3.85 6.77 -15.27
N LEU A 535 -3.55 7.63 -14.30
CA LEU A 535 -2.18 8.06 -14.04
C LEU A 535 -1.27 6.86 -13.87
N MET A 536 -1.66 5.95 -12.99
CA MET A 536 -0.87 4.74 -12.76
C MET A 536 -0.67 3.97 -14.06
N GLY A 537 -1.67 4.03 -14.93
CA GLY A 537 -1.60 3.35 -16.22
C GLY A 537 -0.57 4.03 -17.09
N GLU A 538 -0.55 5.36 -17.02
CA GLU A 538 0.40 6.17 -17.77
C GLU A 538 1.81 5.94 -17.25
N LEU A 539 1.95 5.84 -15.94
CA LEU A 539 3.25 5.62 -15.32
C LEU A 539 3.85 4.28 -15.75
N LEU A 540 2.98 3.27 -15.82
CA LEU A 540 3.35 1.90 -16.17
C LEU A 540 3.91 1.84 -17.58
N ALA A 541 3.12 2.31 -18.52
CA ALA A 541 3.54 2.28 -19.91
C ALA A 541 4.86 3.02 -20.13
N ARG A 542 4.96 4.26 -19.66
CA ARG A 542 6.16 5.02 -19.88
C ARG A 542 7.36 4.49 -19.13
N GLY A 543 7.19 3.35 -18.46
CA GLY A 543 8.29 2.74 -17.76
C GLY A 543 8.84 3.59 -16.64
N LYS A 544 7.94 4.24 -15.93
CA LYS A 544 8.28 5.11 -14.81
C LYS A 544 8.18 4.29 -13.56
N THR A 545 9.01 4.63 -12.57
CA THR A 545 9.10 3.98 -11.24
C THR A 545 8.04 4.53 -10.29
N PHE A 546 7.24 3.68 -9.68
CA PHE A 546 6.26 4.21 -8.75
C PHE A 546 5.65 3.16 -7.84
N GLU A 547 5.13 3.60 -6.72
CA GLU A 547 4.47 2.68 -5.82
C GLU A 547 3.16 3.40 -5.51
N ALA A 548 2.15 2.63 -5.11
CA ALA A 548 0.84 3.19 -4.80
C ALA A 548 0.13 2.49 -3.65
N HIS A 549 -0.72 3.25 -2.98
CA HIS A 549 -1.48 2.73 -1.86
C HIS A 549 -2.86 3.30 -1.94
N ILE A 550 -3.81 2.43 -2.29
CA ILE A 550 -5.20 2.84 -2.38
C ILE A 550 -5.79 2.40 -1.03
N ILE A 551 -6.52 3.28 -0.35
CA ILE A 551 -7.09 2.89 0.94
C ILE A 551 -8.60 2.53 0.89
N PRO A 552 -8.95 1.39 1.51
CA PRO A 552 -10.29 0.81 1.59
C PRO A 552 -11.30 1.56 2.43
N ASP A 553 -12.52 1.61 1.91
CA ASP A 553 -13.66 2.27 2.57
C ASP A 553 -13.34 3.62 3.19
N ALA A 554 -12.70 4.49 2.44
CA ALA A 554 -12.37 5.82 2.96
C ALA A 554 -12.40 6.89 1.88
N GLY A 555 -12.67 8.11 2.31
CA GLY A 555 -12.73 9.25 1.42
C GLY A 555 -11.69 10.31 1.76
N HIS A 556 -11.95 11.55 1.36
CA HIS A 556 -11.02 12.63 1.60
C HIS A 556 -10.87 12.94 3.08
N ALA A 557 -11.95 12.82 3.83
CA ALA A 557 -11.94 13.10 5.27
C ALA A 557 -11.36 11.94 6.05
N ILE A 558 -10.23 12.17 6.70
CA ILE A 558 -9.62 11.14 7.49
C ILE A 558 -10.13 11.25 8.94
N ASN A 559 -11.07 10.37 9.33
CA ASN A 559 -11.64 10.42 10.67
C ASN A 559 -11.54 9.17 11.58
N THR A 560 -10.48 8.37 11.41
CA THR A 560 -10.25 7.15 12.22
C THR A 560 -8.73 6.93 12.27
N MET A 561 -8.21 6.47 13.40
CA MET A 561 -6.77 6.28 13.50
C MET A 561 -6.23 5.21 12.57
N GLU A 562 -7.10 4.40 11.99
CA GLU A 562 -6.67 3.35 11.09
C GLU A 562 -6.45 3.86 9.69
N ASP A 563 -7.23 4.85 9.29
CA ASP A 563 -7.08 5.40 7.96
C ASP A 563 -5.90 6.39 7.97
N ALA A 564 -5.74 7.10 9.08
CA ALA A 564 -4.65 8.05 9.22
C ALA A 564 -3.36 7.24 9.12
N VAL A 565 -3.31 6.12 9.83
CA VAL A 565 -2.13 5.26 9.79
C VAL A 565 -1.88 4.76 8.38
N LYS A 566 -2.94 4.23 7.74
CA LYS A 566 -2.84 3.70 6.38
C LYS A 566 -2.37 4.80 5.42
N ILE A 567 -2.62 6.05 5.76
CA ILE A 567 -2.18 7.12 4.89
C ILE A 567 -0.80 7.65 5.21
N LEU A 568 -0.48 7.83 6.49
CA LEU A 568 0.83 8.37 6.86
C LEU A 568 1.98 7.33 6.91
N LEU A 569 1.65 6.13 7.34
CA LEU A 569 2.65 5.06 7.44
C LEU A 569 3.34 4.78 6.12
N PRO A 570 2.59 4.65 5.02
CA PRO A 570 3.23 4.37 3.74
C PRO A 570 4.11 5.49 3.28
N ALA A 571 3.71 6.71 3.63
CA ALA A 571 4.44 7.91 3.26
C ALA A 571 5.80 7.91 3.94
N VAL A 572 5.79 7.87 5.26
CA VAL A 572 7.05 7.89 5.98
C VAL A 572 7.95 6.70 5.62
N PHE A 573 7.34 5.58 5.23
CA PHE A 573 8.10 4.40 4.84
C PHE A 573 8.79 4.71 3.52
N PHE A 574 8.04 5.29 2.60
CA PHE A 574 8.57 5.63 1.30
C PHE A 574 9.82 6.51 1.42
N LEU A 575 9.70 7.63 2.14
CA LEU A 575 10.81 8.58 2.34
C LEU A 575 12.04 8.02 3.09
N ALA A 576 11.81 7.23 4.15
CA ALA A 576 12.92 6.65 4.91
C ALA A 576 13.71 5.73 3.97
N THR A 577 12.99 5.12 3.04
CA THR A 577 13.58 4.21 2.05
C THR A 577 14.41 4.97 1.02
N GLN A 578 13.90 6.09 0.55
CA GLN A 578 14.62 6.86 -0.43
C GLN A 578 15.87 7.47 0.24
N ARG A 579 15.71 7.94 1.48
CA ARG A 579 16.84 8.53 2.20
C ARG A 579 18.09 7.64 2.26
N GLU A 580 17.91 6.31 2.34
CA GLU A 580 19.06 5.40 2.37
C GLU A 580 19.55 5.12 0.95
N ARG A 581 19.28 6.09 0.06
CA ARG A 581 19.67 6.03 -1.34
C ARG A 581 19.02 4.89 -2.10
N PHE B 9 0.01 -2.68 15.97
CA PHE B 9 0.98 -3.47 16.78
C PHE B 9 2.37 -3.43 16.15
N SER B 10 3.29 -2.67 16.74
CA SER B 10 4.65 -2.56 16.22
C SER B 10 5.43 -3.86 16.48
N ARG B 11 4.81 -4.77 17.21
CA ARG B 11 5.40 -6.06 17.55
C ARG B 11 5.55 -6.95 16.29
N ILE B 12 4.82 -6.56 15.24
CA ILE B 12 4.81 -7.26 13.96
C ILE B 12 6.07 -7.03 13.16
N VAL B 13 6.13 -5.84 12.59
CA VAL B 13 7.25 -5.40 11.77
C VAL B 13 8.46 -6.09 12.34
N ARG B 14 8.49 -6.22 13.66
CA ARG B 14 9.60 -6.85 14.34
C ARG B 14 9.70 -8.34 14.03
N ASP B 15 8.64 -9.08 14.36
CA ASP B 15 8.58 -10.53 14.16
C ASP B 15 8.44 -10.93 12.67
N VAL B 16 7.67 -10.17 11.90
CA VAL B 16 7.48 -10.46 10.48
C VAL B 16 8.78 -10.19 9.73
N GLU B 17 9.60 -9.29 10.27
CA GLU B 17 10.88 -8.95 9.65
C GLU B 17 11.96 -9.97 10.00
N ARG B 18 11.92 -10.50 11.21
CA ARG B 18 12.92 -11.48 11.59
C ARG B 18 12.71 -12.76 10.81
N LEU B 19 11.47 -13.09 10.48
CA LEU B 19 11.20 -14.30 9.69
C LEU B 19 11.77 -14.10 8.29
N ILE B 20 11.58 -12.88 7.78
CA ILE B 20 12.08 -12.53 6.46
C ILE B 20 13.60 -12.56 6.49
N ALA B 21 14.16 -11.97 7.54
CA ALA B 21 15.59 -11.86 7.73
C ALA B 21 16.35 -13.12 8.13
N VAL B 22 15.65 -14.17 8.53
CA VAL B 22 16.35 -15.38 8.92
C VAL B 22 17.15 -15.82 7.70
N GLU B 23 18.30 -16.44 7.95
CA GLU B 23 19.16 -16.88 6.85
C GLU B 23 18.82 -18.27 6.31
N LYS B 24 18.55 -18.30 5.00
CA LYS B 24 18.21 -19.52 4.29
C LYS B 24 19.38 -19.84 3.36
N TYR B 25 19.78 -21.12 3.30
CA TYR B 25 20.88 -21.53 2.42
C TYR B 25 20.46 -22.69 1.53
N SER B 26 20.76 -22.58 0.24
CA SER B 26 20.45 -23.64 -0.72
C SER B 26 21.74 -24.14 -1.40
N LEU B 27 21.87 -25.46 -1.50
CA LEU B 27 23.04 -26.13 -2.09
C LEU B 27 22.95 -26.27 -3.62
N GLN B 28 23.91 -25.64 -4.31
CA GLN B 28 23.95 -25.67 -5.77
C GLN B 28 25.01 -26.60 -6.38
N GLY B 29 26.03 -26.96 -5.62
CA GLY B 29 27.04 -27.83 -6.19
C GLY B 29 28.37 -27.83 -5.49
N VAL B 30 29.35 -28.40 -6.18
CA VAL B 30 30.71 -28.49 -5.66
C VAL B 30 31.59 -27.87 -6.74
N VAL B 31 32.52 -27.01 -6.33
CA VAL B 31 33.34 -26.33 -7.31
C VAL B 31 34.76 -25.95 -6.88
N ASP B 32 35.56 -25.48 -7.85
CA ASP B 32 36.93 -25.04 -7.60
C ASP B 32 37.72 -26.07 -6.81
N GLY B 33 37.80 -27.29 -7.34
CA GLY B 33 38.50 -28.34 -6.65
C GLY B 33 37.54 -28.98 -5.66
N ASP B 34 37.40 -28.35 -4.49
CA ASP B 34 36.50 -28.87 -3.46
C ASP B 34 35.84 -27.85 -2.54
N LYS B 35 34.92 -27.09 -3.11
CA LYS B 35 34.16 -26.07 -2.40
C LYS B 35 32.67 -26.27 -2.67
N LEU B 36 31.82 -25.92 -1.69
CA LEU B 36 30.39 -26.05 -1.87
C LEU B 36 29.86 -24.74 -2.41
N LEU B 37 29.23 -24.80 -3.58
CA LEU B 37 28.65 -23.60 -4.17
C LEU B 37 27.25 -23.52 -3.57
N VAL B 38 26.96 -22.42 -2.88
CA VAL B 38 25.65 -22.26 -2.24
C VAL B 38 25.10 -20.84 -2.35
N VAL B 39 23.84 -20.76 -2.78
CA VAL B 39 23.19 -19.47 -2.87
C VAL B 39 22.54 -19.33 -1.51
N GLY B 40 22.58 -18.12 -0.96
CA GLY B 40 21.98 -17.92 0.34
C GLY B 40 21.37 -16.56 0.61
N PHE B 41 20.15 -16.54 1.13
CA PHE B 41 19.54 -15.27 1.46
C PHE B 41 20.18 -14.86 2.78
N SER B 42 21.20 -14.02 2.67
CA SER B 42 21.94 -13.52 3.83
C SER B 42 22.14 -12.00 3.72
N GLU B 43 21.89 -11.30 4.83
CA GLU B 43 22.03 -9.85 4.87
C GLU B 43 21.02 -9.18 3.97
N GLY B 44 19.75 -9.47 4.19
CA GLY B 44 18.73 -8.87 3.37
C GLY B 44 18.84 -9.00 1.85
N SER B 45 19.46 -10.06 1.33
CA SER B 45 19.56 -10.24 -0.11
C SER B 45 20.01 -11.62 -0.56
N VAL B 46 20.12 -11.81 -1.87
CA VAL B 46 20.53 -13.08 -2.45
C VAL B 46 21.95 -13.03 -3.01
N ASN B 47 22.85 -13.82 -2.43
CA ASN B 47 24.25 -13.86 -2.86
C ASN B 47 24.76 -15.31 -2.98
N ALA B 48 25.75 -15.53 -3.83
CA ALA B 48 26.31 -16.85 -3.99
C ALA B 48 27.58 -16.94 -3.14
N TYR B 49 27.73 -18.01 -2.36
CA TYR B 49 28.90 -18.15 -1.51
C TYR B 49 29.67 -19.44 -1.68
N LEU B 50 30.99 -19.34 -1.60
CA LEU B 50 31.85 -20.50 -1.66
C LEU B 50 32.04 -20.85 -0.20
N TYR B 51 32.11 -22.15 0.09
CA TYR B 51 32.28 -22.58 1.46
C TYR B 51 33.25 -23.75 1.51
N ASP B 52 34.39 -23.53 2.16
CA ASP B 52 35.43 -24.55 2.26
C ASP B 52 35.59 -25.01 3.70
N GLY B 53 34.52 -25.57 4.25
CA GLY B 53 34.55 -26.04 5.61
C GLY B 53 34.77 -24.91 6.59
N GLY B 54 35.88 -24.18 6.40
CA GLY B 54 36.20 -23.08 7.26
C GLY B 54 35.13 -22.00 7.16
N GLU B 55 35.56 -20.76 6.99
CA GLU B 55 34.62 -19.65 6.86
C GLU B 55 34.13 -19.54 5.42
N THR B 56 32.86 -19.19 5.28
CA THR B 56 32.22 -19.04 3.98
C THR B 56 32.75 -17.81 3.25
N VAL B 57 32.63 -17.80 1.93
CA VAL B 57 33.10 -16.66 1.14
C VAL B 57 32.02 -16.13 0.19
N LYS B 58 31.96 -14.80 0.08
CA LYS B 58 31.00 -14.09 -0.76
C LYS B 58 31.61 -13.95 -2.15
N LEU B 59 30.94 -14.54 -3.13
CA LEU B 59 31.41 -14.52 -4.52
C LEU B 59 30.96 -13.34 -5.35
N ASN B 60 29.75 -12.86 -5.10
CA ASN B 60 29.21 -11.78 -5.90
C ASN B 60 29.24 -10.40 -5.29
N ARG B 61 29.20 -9.41 -6.19
CA ARG B 61 29.14 -8.01 -5.80
C ARG B 61 27.70 -7.75 -5.41
N GLU B 62 26.93 -7.11 -6.31
CA GLU B 62 25.53 -6.82 -6.04
C GLU B 62 24.75 -8.13 -5.92
N PRO B 63 23.51 -8.07 -5.39
CA PRO B 63 22.64 -9.25 -5.22
C PRO B 63 22.22 -9.91 -6.54
N ILE B 64 22.27 -11.24 -6.57
CA ILE B 64 21.90 -12.01 -7.75
C ILE B 64 20.60 -12.80 -7.53
N ASN B 65 20.20 -13.56 -8.55
CA ASN B 65 18.98 -14.36 -8.52
C ASN B 65 19.25 -15.83 -8.25
N SER B 66 20.25 -16.35 -8.95
CA SER B 66 20.65 -17.74 -8.82
C SER B 66 21.96 -17.88 -9.56
N VAL B 67 22.47 -19.10 -9.62
CA VAL B 67 23.72 -19.41 -10.30
C VAL B 67 23.39 -20.66 -11.12
N LEU B 68 24.10 -20.89 -12.22
CA LEU B 68 23.82 -22.06 -13.04
C LEU B 68 24.48 -23.30 -12.44
N ASP B 69 24.08 -24.50 -12.89
CA ASP B 69 24.64 -25.74 -12.35
C ASP B 69 26.07 -25.94 -12.81
N PRO B 70 26.99 -26.01 -11.83
CA PRO B 70 28.43 -26.19 -12.02
C PRO B 70 28.87 -27.65 -12.02
N HIS B 71 29.54 -28.08 -13.09
CA HIS B 71 30.03 -29.44 -13.16
C HIS B 71 31.19 -29.55 -12.18
N TYR B 72 31.12 -30.54 -11.29
CA TYR B 72 32.13 -30.78 -10.25
C TYR B 72 33.56 -30.26 -10.49
N GLY B 73 34.09 -29.60 -9.47
CA GLY B 73 35.44 -29.09 -9.50
C GLY B 73 35.76 -27.85 -10.32
N VAL B 74 34.96 -27.52 -11.33
CA VAL B 74 35.25 -26.33 -12.16
C VAL B 74 35.61 -25.11 -11.32
N GLY B 75 36.50 -24.28 -11.85
CA GLY B 75 36.95 -23.11 -11.12
C GLY B 75 36.29 -21.78 -11.42
N ARG B 76 35.01 -21.81 -11.82
CA ARG B 76 34.27 -20.60 -12.13
C ARG B 76 32.76 -20.75 -11.93
N VAL B 77 32.17 -19.75 -11.29
CA VAL B 77 30.73 -19.75 -11.05
C VAL B 77 30.04 -18.75 -11.98
N ILE B 78 28.88 -19.14 -12.50
CA ILE B 78 28.11 -18.27 -13.37
C ILE B 78 26.86 -17.79 -12.61
N LEU B 79 26.81 -16.49 -12.40
CA LEU B 79 25.70 -15.89 -11.68
C LEU B 79 24.61 -15.48 -12.68
N VAL B 80 23.37 -15.46 -12.20
CA VAL B 80 22.20 -15.08 -12.99
C VAL B 80 21.62 -13.89 -12.26
N ARG B 81 21.53 -12.76 -12.95
CA ARG B 81 21.01 -11.59 -12.29
C ARG B 81 20.17 -10.74 -13.23
N ASP B 82 19.03 -10.30 -12.75
CA ASP B 82 18.13 -9.47 -13.52
C ASP B 82 18.77 -8.09 -13.61
N VAL B 83 18.85 -7.57 -14.82
CA VAL B 83 19.41 -6.27 -15.06
C VAL B 83 18.26 -5.37 -15.52
N SER B 84 17.04 -5.68 -15.06
CA SER B 84 15.88 -4.91 -15.48
C SER B 84 14.93 -4.47 -14.38
N LYS B 85 15.44 -4.37 -13.15
CA LYS B 85 14.59 -3.94 -12.02
C LYS B 85 13.37 -4.83 -11.74
N GLY B 86 13.55 -6.16 -11.77
CA GLY B 86 12.42 -7.04 -11.50
C GLY B 86 11.62 -7.64 -12.66
N ALA B 87 11.85 -7.19 -13.89
CA ALA B 87 11.11 -7.74 -15.02
C ALA B 87 11.78 -9.04 -15.49
N GLU B 88 12.74 -9.49 -14.71
CA GLU B 88 13.45 -10.71 -15.02
C GLU B 88 14.01 -10.81 -16.44
N GLN B 89 14.83 -9.84 -16.80
CA GLN B 89 15.54 -9.88 -18.06
C GLN B 89 16.92 -10.08 -17.49
N HIS B 90 17.32 -11.35 -17.39
CA HIS B 90 18.57 -11.76 -16.83
C HIS B 90 19.78 -11.61 -17.75
N ALA B 91 20.93 -11.40 -17.11
CA ALA B 91 22.23 -11.31 -17.76
C ALA B 91 23.10 -12.31 -16.99
N LEU B 92 24.11 -12.86 -17.65
CA LEU B 92 24.99 -13.84 -17.00
C LEU B 92 26.34 -13.25 -16.66
N PHE B 93 26.80 -13.45 -15.42
CA PHE B 93 28.09 -12.90 -14.97
C PHE B 93 29.06 -13.95 -14.50
N LYS B 94 30.23 -13.97 -15.12
CA LYS B 94 31.26 -14.95 -14.81
C LYS B 94 32.12 -14.54 -13.61
N VAL B 95 32.39 -15.50 -12.73
CA VAL B 95 33.21 -15.26 -11.56
C VAL B 95 34.27 -16.34 -11.49
N ASN B 96 35.47 -15.95 -11.06
CA ASN B 96 36.57 -16.88 -10.92
C ASN B 96 36.74 -17.21 -9.45
N THR B 97 36.53 -18.49 -9.14
CA THR B 97 36.64 -18.97 -7.77
C THR B 97 37.91 -18.47 -7.08
N SER B 98 39.01 -18.39 -7.82
CA SER B 98 40.26 -17.94 -7.24
C SER B 98 40.31 -16.42 -7.07
N ARG B 99 39.40 -15.73 -7.75
CA ARG B 99 39.33 -14.29 -7.66
C ARG B 99 37.91 -13.80 -7.35
N PRO B 100 37.39 -14.14 -6.16
CA PRO B 100 36.06 -13.77 -5.66
C PRO B 100 35.82 -12.27 -5.62
N GLY B 101 34.67 -11.84 -6.13
CA GLY B 101 34.36 -10.43 -6.13
C GLY B 101 34.33 -9.75 -7.49
N GLU B 102 34.93 -10.37 -8.51
CA GLU B 102 34.93 -9.74 -9.83
C GLU B 102 33.96 -10.45 -10.79
N GLU B 103 33.08 -9.68 -11.42
CA GLU B 103 32.08 -10.24 -12.34
C GLU B 103 32.31 -9.79 -13.79
N GLN B 104 32.35 -10.76 -14.70
CA GLN B 104 32.56 -10.50 -16.13
C GLN B 104 31.27 -10.80 -16.90
N ARG B 105 30.45 -9.79 -17.09
CA ARG B 105 29.20 -9.98 -17.82
C ARG B 105 29.48 -10.62 -19.17
N LEU B 106 28.89 -11.80 -19.40
CA LEU B 106 29.08 -12.50 -20.66
C LEU B 106 28.24 -11.79 -21.72
N GLU B 107 28.75 -10.64 -22.15
CA GLU B 107 28.08 -9.82 -23.15
C GLU B 107 27.53 -10.59 -24.36
N ALA B 108 28.12 -11.73 -24.66
CA ALA B 108 27.65 -12.50 -25.80
C ALA B 108 26.17 -12.85 -25.68
N VAL B 109 25.66 -12.86 -24.46
CA VAL B 109 24.25 -13.19 -24.19
C VAL B 109 23.41 -11.98 -23.83
N LYS B 110 22.48 -11.60 -24.71
CA LYS B 110 21.62 -10.44 -24.47
C LYS B 110 20.52 -10.79 -23.47
N PRO B 111 20.10 -9.82 -22.63
CA PRO B 111 19.06 -10.04 -21.62
C PRO B 111 17.83 -10.81 -22.09
N MET B 112 17.44 -11.78 -21.27
CA MET B 112 16.30 -12.66 -21.52
C MET B 112 15.94 -13.35 -20.22
N ARG B 113 14.87 -14.15 -20.24
CA ARG B 113 14.48 -14.84 -19.02
C ARG B 113 15.20 -16.16 -18.96
N ILE B 114 16.19 -16.26 -18.09
CA ILE B 114 16.95 -17.50 -17.94
C ILE B 114 16.13 -18.49 -17.14
N LEU B 115 15.87 -19.65 -17.72
CA LEU B 115 15.06 -20.71 -17.09
C LEU B 115 15.92 -21.73 -16.39
N SER B 116 17.19 -21.83 -16.81
CA SER B 116 18.15 -22.80 -16.25
C SER B 116 19.40 -22.86 -17.10
N GLY B 117 20.38 -23.59 -16.59
CA GLY B 117 21.62 -23.76 -17.32
C GLY B 117 22.59 -24.65 -16.60
N VAL B 118 23.59 -25.13 -17.34
CA VAL B 118 24.67 -25.96 -16.80
C VAL B 118 26.04 -25.39 -17.19
N ASP B 119 26.96 -25.46 -16.25
CA ASP B 119 28.31 -24.95 -16.49
C ASP B 119 29.37 -26.06 -16.46
N THR B 120 29.62 -26.66 -17.63
CA THR B 120 30.62 -27.70 -17.75
C THR B 120 31.95 -27.05 -17.30
N GLY B 121 32.55 -26.26 -18.16
CA GLY B 121 33.78 -25.60 -17.81
C GLY B 121 34.28 -24.89 -19.05
N GLU B 122 33.95 -25.48 -20.19
CA GLU B 122 34.32 -24.96 -21.50
C GLU B 122 33.01 -24.52 -22.16
N ALA B 123 31.88 -24.85 -21.54
CA ALA B 123 30.58 -24.50 -22.09
C ALA B 123 29.54 -24.12 -21.04
N VAL B 124 28.65 -23.23 -21.42
CA VAL B 124 27.58 -22.81 -20.55
C VAL B 124 26.29 -22.99 -21.35
N VAL B 125 25.59 -24.09 -21.08
CA VAL B 125 24.37 -24.39 -21.79
C VAL B 125 23.20 -24.02 -20.93
N PHE B 126 22.30 -23.21 -21.47
CA PHE B 126 21.15 -22.77 -20.72
C PHE B 126 19.92 -22.70 -21.60
N THR B 127 18.80 -22.39 -20.97
CA THR B 127 17.54 -22.29 -21.68
C THR B 127 17.02 -20.93 -21.29
N GLY B 128 16.34 -20.26 -22.21
CA GLY B 128 15.81 -18.97 -21.86
C GLY B 128 14.62 -18.65 -22.71
N ALA B 129 13.89 -17.63 -22.32
CA ALA B 129 12.74 -17.21 -23.08
C ALA B 129 12.81 -15.71 -23.30
N THR B 130 12.34 -15.33 -24.47
CA THR B 130 12.26 -13.96 -24.93
C THR B 130 10.87 -13.93 -25.53
N GLU B 131 10.41 -12.79 -26.00
CA GLU B 131 9.06 -12.71 -26.56
C GLU B 131 8.78 -13.75 -27.63
N ASP B 132 9.60 -13.73 -28.67
CA ASP B 132 9.42 -14.64 -29.79
C ASP B 132 9.91 -16.08 -29.65
N ARG B 133 10.47 -16.49 -28.51
CA ARG B 133 10.92 -17.89 -28.39
C ARG B 133 11.47 -18.35 -27.04
N VAL B 134 11.32 -19.65 -26.76
CA VAL B 134 11.89 -20.27 -25.56
C VAL B 134 12.89 -21.14 -26.29
N ALA B 135 14.17 -21.04 -25.99
CA ALA B 135 15.13 -21.84 -26.72
C ALA B 135 16.24 -22.48 -25.89
N LEU B 136 17.01 -23.34 -26.53
CA LEU B 136 18.11 -24.04 -25.90
C LEU B 136 19.40 -23.37 -26.39
N TYR B 137 20.25 -22.94 -25.46
CA TYR B 137 21.49 -22.27 -25.83
C TYR B 137 22.79 -22.83 -25.32
N ALA B 138 23.85 -22.49 -26.01
CA ALA B 138 25.17 -22.91 -25.63
C ALA B 138 26.07 -21.73 -25.87
N LEU B 139 27.02 -21.55 -24.96
CA LEU B 139 28.00 -20.46 -25.04
C LEU B 139 29.37 -21.06 -24.75
N ASP B 140 30.22 -21.11 -25.78
CA ASP B 140 31.57 -21.66 -25.65
C ASP B 140 32.59 -20.62 -26.08
N GLY B 141 33.83 -21.04 -26.28
CA GLY B 141 34.88 -20.13 -26.67
C GLY B 141 34.56 -19.45 -27.98
N GLY B 142 33.69 -20.06 -28.77
CA GLY B 142 33.35 -19.49 -30.06
C GLY B 142 32.16 -18.57 -30.15
N GLY B 143 31.36 -18.53 -29.10
CA GLY B 143 30.20 -17.65 -29.13
C GLY B 143 28.86 -18.25 -28.73
N LEU B 144 27.81 -17.56 -29.15
CA LEU B 144 26.44 -17.98 -28.85
C LEU B 144 25.85 -18.74 -30.03
N ARG B 145 25.26 -19.89 -29.71
CA ARG B 145 24.60 -20.76 -30.68
C ARG B 145 23.28 -21.19 -30.08
N GLU B 146 22.20 -21.09 -30.86
CA GLU B 146 20.91 -21.55 -30.38
C GLU B 146 20.88 -23.00 -30.79
N LEU B 147 20.79 -23.89 -29.81
CA LEU B 147 20.74 -25.32 -30.08
C LEU B 147 19.37 -25.75 -30.56
N ALA B 148 18.32 -25.18 -29.96
CA ALA B 148 16.97 -25.57 -30.35
C ALA B 148 15.89 -24.60 -29.90
N ARG B 149 14.72 -24.76 -30.50
CA ARG B 149 13.60 -23.94 -30.14
C ARG B 149 12.62 -24.90 -29.47
N LEU B 150 12.52 -24.81 -28.14
CA LEU B 150 11.62 -25.66 -27.35
C LEU B 150 10.18 -25.18 -27.48
N PRO B 151 9.21 -26.10 -27.43
CA PRO B 151 7.81 -25.68 -27.55
C PRO B 151 7.38 -24.77 -26.38
N GLY B 152 8.00 -24.99 -25.21
CA GLY B 152 7.67 -24.19 -24.04
C GLY B 152 8.65 -24.43 -22.90
N PHE B 153 8.31 -23.96 -21.70
CA PHE B 153 9.17 -24.12 -20.53
C PHE B 153 9.94 -25.45 -20.57
N GLY B 154 11.27 -25.35 -20.68
CA GLY B 154 12.11 -26.53 -20.71
C GLY B 154 13.32 -26.29 -19.84
N PHE B 155 13.90 -27.33 -19.26
CA PHE B 155 15.04 -27.14 -18.38
C PHE B 155 16.23 -28.05 -18.63
N VAL B 156 17.43 -27.50 -18.53
CA VAL B 156 18.64 -28.30 -18.72
C VAL B 156 18.78 -29.12 -17.43
N SER B 157 18.83 -30.45 -17.56
CA SER B 157 18.97 -31.33 -16.41
C SER B 157 20.43 -31.73 -16.22
N ASP B 158 21.07 -32.13 -17.31
CA ASP B 158 22.47 -32.56 -17.25
C ASP B 158 23.05 -32.69 -18.64
N ILE B 159 24.37 -32.55 -18.70
CA ILE B 159 25.10 -32.69 -19.94
C ILE B 159 26.36 -33.50 -19.66
N ARG B 160 26.54 -34.55 -20.45
CA ARG B 160 27.70 -35.42 -20.35
C ARG B 160 28.26 -35.45 -21.75
N GLY B 161 29.45 -34.88 -21.91
CA GLY B 161 30.05 -34.85 -23.21
C GLY B 161 29.29 -33.91 -24.11
N ASP B 162 28.85 -34.44 -25.25
CA ASP B 162 28.12 -33.69 -26.26
C ASP B 162 26.62 -33.96 -26.16
N LEU B 163 26.23 -34.72 -25.14
CA LEU B 163 24.82 -35.06 -24.94
C LEU B 163 24.17 -34.12 -23.92
N ILE B 164 23.03 -33.55 -24.31
CA ILE B 164 22.31 -32.65 -23.43
C ILE B 164 20.95 -33.22 -23.05
N ALA B 165 20.73 -33.38 -21.76
CA ALA B 165 19.48 -33.90 -21.24
C ALA B 165 18.67 -32.83 -20.52
N GLY B 166 17.36 -32.86 -20.74
CA GLY B 166 16.50 -31.89 -20.09
C GLY B 166 15.05 -32.31 -20.06
N LEU B 167 14.28 -31.59 -19.26
CA LEU B 167 12.85 -31.79 -19.10
C LEU B 167 12.10 -30.64 -19.77
N GLY B 168 10.95 -30.91 -20.37
CA GLY B 168 10.23 -29.84 -21.01
C GLY B 168 8.71 -29.95 -20.90
N PHE B 169 8.08 -28.86 -20.47
CA PHE B 169 6.62 -28.81 -20.38
C PHE B 169 6.16 -28.40 -21.77
N PHE B 170 6.14 -29.35 -22.69
CA PHE B 170 5.78 -29.04 -24.07
C PHE B 170 4.31 -29.22 -24.46
N GLY B 171 3.55 -29.98 -23.68
CA GLY B 171 2.14 -30.13 -24.02
C GLY B 171 1.27 -30.91 -23.05
N GLY B 172 0.03 -30.46 -22.91
CA GLY B 172 -0.91 -31.13 -22.01
C GLY B 172 -0.55 -31.16 -20.54
N GLY B 173 0.37 -30.31 -20.10
CA GLY B 173 0.74 -30.31 -18.69
C GLY B 173 1.70 -31.42 -18.31
N ARG B 174 2.07 -32.22 -19.31
CA ARG B 174 2.98 -33.34 -19.13
C ARG B 174 4.40 -32.85 -19.31
N VAL B 175 5.34 -33.58 -18.72
CA VAL B 175 6.74 -33.24 -18.81
C VAL B 175 7.49 -34.26 -19.68
N SER B 176 7.97 -33.84 -20.86
CA SER B 176 8.73 -34.75 -21.71
C SER B 176 10.18 -34.75 -21.31
N LEU B 177 10.95 -35.58 -21.99
CA LEU B 177 12.40 -35.61 -21.77
C LEU B 177 12.94 -35.28 -23.14
N PHE B 178 13.92 -34.39 -23.23
CA PHE B 178 14.50 -34.09 -24.53
C PHE B 178 16.01 -34.15 -24.42
N THR B 179 16.66 -34.36 -25.54
CA THR B 179 18.12 -34.41 -25.58
C THR B 179 18.54 -33.58 -26.77
N SER B 180 19.81 -33.20 -26.75
CA SER B 180 20.36 -32.41 -27.82
C SER B 180 21.87 -32.59 -27.87
N ASN B 181 22.44 -32.09 -28.95
CA ASN B 181 23.85 -32.21 -29.14
C ASN B 181 24.52 -30.91 -28.80
N LEU B 182 25.43 -30.94 -27.85
CA LEU B 182 26.16 -29.74 -27.48
C LEU B 182 26.78 -29.04 -28.69
N SER B 183 27.24 -29.82 -29.65
CA SER B 183 27.93 -29.30 -30.85
C SER B 183 27.12 -29.11 -32.13
N SER B 184 26.06 -29.89 -32.30
CA SER B 184 25.26 -29.78 -33.51
C SER B 184 23.81 -29.36 -33.30
N GLY B 185 23.46 -29.01 -32.07
CA GLY B 185 22.11 -28.58 -31.80
C GLY B 185 21.08 -29.64 -32.11
N GLY B 186 19.86 -29.20 -32.42
CA GLY B 186 18.78 -30.13 -32.70
C GLY B 186 18.07 -30.57 -31.43
N LEU B 187 16.97 -31.30 -31.57
CA LEU B 187 16.24 -31.72 -30.38
C LEU B 187 15.48 -33.03 -30.64
N ARG B 188 15.46 -33.89 -29.63
CA ARG B 188 14.74 -35.15 -29.72
C ARG B 188 13.83 -35.20 -28.47
N VAL B 189 12.52 -35.15 -28.71
CA VAL B 189 11.51 -35.16 -27.65
C VAL B 189 10.94 -36.55 -27.35
N PHE B 190 11.09 -36.96 -26.09
CA PHE B 190 10.63 -38.27 -25.63
C PHE B 190 9.47 -38.17 -24.63
N ASP B 191 8.24 -38.29 -25.15
CA ASP B 191 7.08 -38.23 -24.29
C ASP B 191 6.84 -39.64 -23.75
N SER B 192 5.98 -39.76 -22.74
CA SER B 192 5.66 -41.07 -22.15
C SER B 192 4.17 -41.17 -21.88
N GLY B 193 3.60 -42.33 -22.20
CA GLY B 193 2.19 -42.57 -21.99
C GLY B 193 1.83 -42.83 -20.54
N GLU B 194 2.80 -43.29 -19.76
CA GLU B 194 2.56 -43.59 -18.36
C GLU B 194 2.56 -42.35 -17.50
N GLY B 195 3.32 -41.34 -17.89
CA GLY B 195 3.37 -40.14 -17.08
C GLY B 195 4.38 -39.10 -17.52
N SER B 196 4.82 -38.31 -16.56
CA SER B 196 5.79 -37.24 -16.82
C SER B 196 7.10 -37.53 -16.14
N PHE B 197 8.17 -37.01 -16.74
CA PHE B 197 9.51 -37.20 -16.18
C PHE B 197 9.76 -36.07 -15.17
N SER B 198 10.34 -36.37 -14.01
CA SER B 198 10.56 -35.33 -13.02
C SER B 198 12.01 -34.88 -12.85
N SER B 199 12.97 -35.78 -13.01
CA SER B 199 14.35 -35.35 -12.86
C SER B 199 15.25 -36.32 -13.62
N ALA B 200 16.16 -35.77 -14.43
CA ALA B 200 17.07 -36.58 -15.25
C ALA B 200 18.56 -36.43 -14.93
N SER B 201 19.35 -37.40 -15.40
CA SER B 201 20.79 -37.42 -15.20
C SER B 201 21.41 -38.51 -16.06
N ILE B 202 22.23 -38.09 -17.02
CA ILE B 202 22.89 -39.02 -17.91
C ILE B 202 23.90 -39.87 -17.16
N SER B 203 24.06 -41.11 -17.61
CA SER B 203 24.95 -42.08 -16.99
C SER B 203 26.25 -42.29 -17.77
N PRO B 204 27.27 -42.87 -17.09
CA PRO B 204 28.55 -43.13 -17.74
C PRO B 204 28.31 -43.80 -19.09
N GLY B 205 27.41 -44.79 -19.10
CA GLY B 205 27.08 -45.49 -20.33
C GLY B 205 26.31 -44.66 -21.34
N MET B 206 26.46 -43.34 -21.25
CA MET B 206 25.79 -42.37 -22.14
C MET B 206 24.28 -42.62 -22.29
N LYS B 207 23.62 -43.05 -21.22
CA LYS B 207 22.19 -43.29 -21.27
C LYS B 207 21.49 -42.38 -20.27
N VAL B 208 20.29 -41.94 -20.59
CA VAL B 208 19.53 -41.00 -19.74
C VAL B 208 18.62 -41.60 -18.67
N THR B 209 18.99 -41.41 -17.41
CA THR B 209 18.23 -41.91 -16.25
C THR B 209 17.30 -40.83 -15.68
N ALA B 210 16.00 -41.04 -15.84
CA ALA B 210 15.02 -40.06 -15.38
C ALA B 210 14.02 -40.56 -14.34
N GLY B 211 13.18 -39.64 -13.88
CA GLY B 211 12.15 -39.98 -12.91
C GLY B 211 10.87 -40.03 -13.72
N LEU B 212 10.01 -40.99 -13.42
CA LEU B 212 8.75 -41.12 -14.14
C LEU B 212 7.62 -41.10 -13.13
N GLU B 213 6.78 -40.08 -13.21
CA GLU B 213 5.65 -39.94 -12.30
C GLU B 213 4.36 -40.38 -13.00
N THR B 214 3.81 -41.49 -12.55
CA THR B 214 2.59 -42.02 -13.14
C THR B 214 1.41 -41.72 -12.21
N ALA B 215 0.21 -42.07 -12.67
CA ALA B 215 -1.03 -41.87 -11.92
C ALA B 215 -0.83 -41.85 -10.41
N ARG B 216 -0.21 -42.91 -9.91
CA ARG B 216 0.05 -43.03 -8.48
C ARG B 216 1.54 -42.94 -8.15
N GLU B 217 2.22 -44.08 -8.13
CA GLU B 217 3.64 -44.10 -7.77
C GLU B 217 4.60 -43.43 -8.76
N ALA B 218 5.85 -43.35 -8.33
CA ALA B 218 6.89 -42.77 -9.17
C ALA B 218 8.08 -43.76 -9.21
N ARG B 219 8.66 -43.96 -10.40
CA ARG B 219 9.79 -44.87 -10.55
C ARG B 219 10.93 -44.39 -11.46
N LEU B 220 12.01 -45.17 -11.46
CA LEU B 220 13.20 -44.86 -12.24
C LEU B 220 13.24 -45.60 -13.56
N VAL B 221 13.63 -44.91 -14.63
CA VAL B 221 13.74 -45.53 -15.93
C VAL B 221 15.00 -45.08 -16.67
N THR B 222 15.43 -45.90 -17.62
CA THR B 222 16.61 -45.66 -18.46
C THR B 222 16.12 -45.36 -19.88
N VAL B 223 16.51 -44.22 -20.41
CA VAL B 223 16.10 -43.80 -21.74
C VAL B 223 17.26 -43.85 -22.74
N ASP B 224 16.95 -44.27 -23.97
CA ASP B 224 17.99 -44.34 -25.00
C ASP B 224 17.72 -43.22 -26.01
N PRO B 225 18.51 -42.13 -25.94
CA PRO B 225 18.31 -41.04 -26.90
C PRO B 225 18.41 -41.48 -28.38
N ARG B 226 19.05 -42.62 -28.60
CA ARG B 226 19.23 -43.18 -29.94
C ARG B 226 17.92 -43.66 -30.54
N ASP B 227 17.36 -44.72 -29.95
CA ASP B 227 16.12 -45.31 -30.44
C ASP B 227 14.83 -44.92 -29.64
N GLY B 228 15.00 -44.53 -28.38
CA GLY B 228 13.86 -44.15 -27.57
C GLY B 228 13.58 -45.15 -26.45
N SER B 229 14.25 -46.29 -26.51
CA SER B 229 14.09 -47.34 -25.51
C SER B 229 13.89 -46.78 -24.11
N VAL B 230 12.99 -47.40 -23.35
CA VAL B 230 12.74 -47.06 -21.96
C VAL B 230 12.44 -48.38 -21.27
N GLU B 231 13.34 -48.75 -20.37
CA GLU B 231 13.23 -49.98 -19.60
C GLU B 231 13.17 -49.43 -18.19
N ASP B 232 13.00 -50.29 -17.21
CA ASP B 232 12.98 -49.78 -15.86
C ASP B 232 14.33 -50.01 -15.22
N LEU B 233 14.80 -48.96 -14.56
CA LEU B 233 16.08 -48.98 -13.88
C LEU B 233 15.86 -49.76 -12.59
N GLU B 234 16.70 -50.77 -12.36
CA GLU B 234 16.60 -51.58 -11.14
C GLU B 234 17.89 -51.39 -10.35
N LEU B 235 17.74 -50.90 -9.13
CA LEU B 235 18.91 -50.65 -8.29
C LEU B 235 19.29 -51.84 -7.43
N PRO B 236 20.54 -51.86 -6.94
CA PRO B 236 21.15 -52.88 -6.09
C PRO B 236 20.33 -53.13 -4.83
N SER B 237 20.21 -52.07 -4.01
CA SER B 237 19.44 -52.14 -2.77
C SER B 237 17.98 -51.90 -3.14
N LYS B 238 17.05 -52.21 -2.25
CA LYS B 238 15.65 -52.05 -2.57
C LYS B 238 14.85 -51.11 -1.67
N ASP B 239 15.55 -50.25 -0.93
CA ASP B 239 14.89 -49.29 -0.02
C ASP B 239 14.02 -48.29 -0.77
N PHE B 240 14.35 -48.06 -2.03
CA PHE B 240 13.63 -47.12 -2.87
C PHE B 240 12.26 -47.64 -3.30
N SER B 241 12.23 -48.74 -4.05
CA SER B 241 10.97 -49.32 -4.53
C SER B 241 10.00 -49.52 -3.36
N SER B 242 10.58 -49.68 -2.17
CA SER B 242 9.85 -49.91 -0.93
C SER B 242 9.37 -48.62 -0.25
N TYR B 243 10.03 -47.50 -0.54
CA TYR B 243 9.61 -46.23 0.03
C TYR B 243 8.22 -46.00 -0.57
N ARG B 244 8.05 -46.50 -1.80
CA ARG B 244 6.80 -46.34 -2.53
C ARG B 244 6.64 -44.84 -2.75
N PRO B 245 7.68 -44.18 -3.28
CA PRO B 245 7.64 -42.75 -3.54
C PRO B 245 6.54 -42.40 -4.53
N THR B 246 5.87 -41.30 -4.24
CA THR B 246 4.80 -40.84 -5.09
C THR B 246 5.34 -39.74 -6.01
N ALA B 247 6.57 -39.32 -5.75
CA ALA B 247 7.23 -38.28 -6.56
C ALA B 247 8.72 -38.27 -6.37
N ILE B 248 9.44 -37.85 -7.41
CA ILE B 248 10.90 -37.77 -7.38
C ILE B 248 11.41 -36.33 -7.43
N THR B 249 11.92 -35.86 -6.31
CA THR B 249 12.44 -34.50 -6.20
C THR B 249 13.64 -34.23 -7.10
N TRP B 250 14.66 -35.09 -7.00
CA TRP B 250 15.90 -34.91 -7.77
C TRP B 250 16.72 -36.19 -7.93
N LEU B 251 17.67 -36.16 -8.85
CA LEU B 251 18.54 -37.31 -9.05
C LEU B 251 19.71 -36.94 -9.93
N GLY B 252 20.82 -37.62 -9.73
CA GLY B 252 22.00 -37.36 -10.53
C GLY B 252 23.12 -38.26 -10.08
N TYR B 253 24.01 -38.62 -11.01
CA TYR B 253 25.15 -39.46 -10.67
C TYR B 253 26.21 -38.58 -10.00
N LEU B 254 26.87 -39.12 -8.97
CA LEU B 254 27.90 -38.37 -8.27
C LEU B 254 29.24 -38.66 -8.95
N PRO B 255 30.35 -38.13 -8.41
CA PRO B 255 31.66 -38.38 -9.02
C PRO B 255 31.93 -39.88 -9.12
N ASP B 256 31.99 -40.53 -7.97
CA ASP B 256 32.24 -41.96 -7.93
C ASP B 256 31.01 -42.74 -8.37
N GLY B 257 30.76 -42.74 -9.67
CA GLY B 257 29.65 -43.43 -10.31
C GLY B 257 28.32 -43.78 -9.61
N ARG B 258 28.16 -43.49 -8.33
CA ARG B 258 26.93 -43.81 -7.60
C ARG B 258 25.71 -43.06 -8.13
N LEU B 259 24.53 -43.32 -7.57
CA LEU B 259 23.32 -42.66 -8.04
C LEU B 259 22.41 -42.12 -6.94
N ALA B 260 22.55 -40.82 -6.66
CA ALA B 260 21.75 -40.18 -5.64
C ALA B 260 20.34 -39.96 -6.14
N VAL B 261 19.37 -40.23 -5.27
CA VAL B 261 17.95 -40.07 -5.59
C VAL B 261 17.19 -39.56 -4.36
N VAL B 262 16.48 -38.44 -4.51
CA VAL B 262 15.68 -37.92 -3.41
C VAL B 262 14.24 -37.94 -3.89
N ALA B 263 13.43 -38.80 -3.28
CA ALA B 263 12.04 -38.92 -3.66
C ALA B 263 11.27 -38.51 -2.44
N ARG B 264 9.97 -38.29 -2.59
CA ARG B 264 9.16 -37.89 -1.46
C ARG B 264 7.77 -38.51 -1.55
N ARG B 265 7.04 -38.43 -0.44
CA ARG B 265 5.68 -38.93 -0.38
C ARG B 265 5.06 -38.21 0.79
N GLU B 266 3.83 -37.75 0.63
CA GLU B 266 3.11 -37.04 1.69
C GLU B 266 3.86 -35.83 2.23
N GLY B 267 4.52 -35.09 1.34
CA GLY B 267 5.23 -33.90 1.75
C GLY B 267 6.61 -34.05 2.35
N ARG B 268 7.07 -35.29 2.51
CA ARG B 268 8.40 -35.54 3.06
C ARG B 268 9.18 -36.38 2.08
N SER B 269 10.51 -36.24 2.10
CA SER B 269 11.34 -36.99 1.17
C SER B 269 12.42 -37.78 1.88
N ALA B 270 13.15 -38.60 1.12
CA ALA B 270 14.23 -39.42 1.63
C ALA B 270 15.41 -39.48 0.65
N VAL B 271 16.59 -39.82 1.15
CA VAL B 271 17.79 -39.92 0.32
C VAL B 271 18.20 -41.38 0.08
N PHE B 272 18.71 -41.67 -1.12
CA PHE B 272 19.13 -43.01 -1.52
C PHE B 272 20.38 -42.98 -2.40
N ILE B 273 21.30 -43.90 -2.17
CA ILE B 273 22.49 -44.02 -2.98
C ILE B 273 22.40 -45.44 -3.52
N ASP B 274 22.09 -45.58 -4.80
CA ASP B 274 21.96 -46.90 -5.45
C ASP B 274 20.80 -47.74 -4.87
N GLY B 275 19.77 -47.07 -4.34
CA GLY B 275 18.64 -47.80 -3.77
C GLY B 275 18.75 -47.94 -2.26
N GLU B 276 19.99 -48.04 -1.78
CA GLU B 276 20.25 -48.16 -0.34
C GLU B 276 19.88 -46.82 0.28
N ARG B 277 19.18 -46.83 1.40
CA ARG B 277 18.75 -45.58 2.01
C ARG B 277 19.65 -44.91 3.04
N VAL B 278 19.89 -43.63 2.81
CA VAL B 278 20.70 -42.79 3.69
C VAL B 278 19.72 -42.06 4.61
N GLU B 279 20.04 -42.02 5.91
CA GLU B 279 19.19 -41.34 6.88
C GLU B 279 19.39 -39.84 6.76
N ALA B 280 18.34 -39.08 7.03
CA ALA B 280 18.40 -37.63 6.96
C ALA B 280 17.47 -36.97 7.99
N PRO B 281 17.57 -35.64 8.16
CA PRO B 281 16.69 -34.98 9.11
C PRO B 281 15.26 -35.12 8.60
N GLN B 282 14.26 -34.71 9.38
CA GLN B 282 12.89 -34.87 8.88
C GLN B 282 12.40 -33.62 8.15
N GLY B 283 11.73 -33.83 7.03
CA GLY B 283 11.24 -32.73 6.25
C GLY B 283 11.55 -32.97 4.79
N ASN B 284 12.17 -31.98 4.14
CA ASN B 284 12.53 -32.11 2.73
C ASN B 284 14.00 -31.84 2.46
N HIS B 285 14.49 -32.42 1.37
CA HIS B 285 15.88 -32.30 0.99
C HIS B 285 16.08 -31.84 -0.45
N GLY B 286 17.28 -31.35 -0.73
CA GLY B 286 17.61 -30.88 -2.05
C GLY B 286 18.58 -31.86 -2.70
N ARG B 287 19.15 -31.47 -3.83
CA ARG B 287 20.09 -32.34 -4.52
C ARG B 287 21.19 -32.87 -3.57
N VAL B 288 21.84 -33.96 -3.98
CA VAL B 288 22.86 -34.55 -3.16
C VAL B 288 24.22 -34.46 -3.83
N VAL B 289 25.24 -34.14 -3.03
CA VAL B 289 26.61 -34.07 -3.54
C VAL B 289 27.55 -34.87 -2.65
N LEU B 290 28.75 -35.12 -3.16
CA LEU B 290 29.78 -35.82 -2.40
C LEU B 290 30.93 -34.81 -2.30
N TRP B 291 31.04 -34.14 -1.16
CA TRP B 291 32.07 -33.12 -0.93
C TRP B 291 33.00 -33.64 0.16
N ARG B 292 34.24 -33.92 -0.23
CA ARG B 292 35.29 -34.43 0.67
C ARG B 292 34.92 -35.78 1.29
N GLY B 293 34.36 -36.67 0.46
CA GLY B 293 33.98 -37.98 0.95
C GLY B 293 32.80 -37.91 1.90
N LYS B 294 32.02 -36.83 1.77
CA LYS B 294 30.83 -36.61 2.60
C LYS B 294 29.57 -36.46 1.73
N LEU B 295 28.44 -36.89 2.27
CA LEU B 295 27.16 -36.76 1.59
C LEU B 295 26.55 -35.47 2.07
N VAL B 296 26.40 -34.49 1.17
CA VAL B 296 25.83 -33.21 1.55
C VAL B 296 24.54 -32.93 0.80
N THR B 297 23.64 -32.21 1.45
CA THR B 297 22.36 -31.84 0.87
C THR B 297 21.78 -30.70 1.69
N SER B 298 20.79 -30.01 1.14
CA SER B 298 20.18 -28.93 1.90
C SER B 298 18.98 -29.55 2.60
N HIS B 299 18.40 -28.83 3.55
CA HIS B 299 17.28 -29.35 4.31
C HIS B 299 16.35 -28.25 4.84
N THR B 300 15.07 -28.57 5.06
CA THR B 300 14.14 -27.58 5.57
C THR B 300 12.92 -28.28 6.17
N SER B 301 12.00 -27.51 6.74
CA SER B 301 10.78 -28.05 7.34
C SER B 301 9.90 -26.90 7.82
N LEU B 302 8.62 -27.17 8.05
CA LEU B 302 7.72 -26.12 8.50
C LEU B 302 8.22 -25.39 9.74
N SER B 303 9.30 -25.89 10.35
CA SER B 303 9.86 -25.25 11.54
C SER B 303 11.35 -24.94 11.38
N THR B 304 11.98 -25.48 10.35
CA THR B 304 13.42 -25.22 10.09
C THR B 304 13.64 -24.54 8.73
N PRO B 305 14.36 -23.39 8.72
CA PRO B 305 14.63 -22.67 7.46
C PRO B 305 15.63 -23.47 6.63
N PRO B 306 15.59 -23.28 5.30
CA PRO B 306 16.49 -24.00 4.41
C PRO B 306 17.95 -23.82 4.83
N ARG B 307 18.55 -24.94 5.25
CA ARG B 307 19.93 -24.99 5.71
C ARG B 307 20.68 -26.10 4.96
N ILE B 308 21.94 -26.34 5.32
CA ILE B 308 22.72 -27.40 4.71
C ILE B 308 23.22 -28.38 5.78
N VAL B 309 23.22 -29.67 5.42
CA VAL B 309 23.65 -30.74 6.36
C VAL B 309 24.31 -31.93 5.65
N SER B 310 25.17 -32.64 6.37
CA SER B 310 25.82 -33.80 5.81
C SER B 310 25.07 -35.05 6.24
N LEU B 311 25.16 -36.09 5.42
CA LEU B 311 24.44 -37.35 5.67
C LEU B 311 25.36 -38.57 5.73
N PRO B 312 25.01 -39.57 6.55
CA PRO B 312 23.83 -39.65 7.42
C PRO B 312 23.92 -38.87 8.74
N SER B 313 25.05 -38.20 8.92
CA SER B 313 25.29 -37.40 10.11
C SER B 313 24.04 -36.57 10.38
N GLY B 314 23.84 -35.57 9.53
CA GLY B 314 22.70 -34.68 9.67
C GLY B 314 23.15 -33.40 10.35
N GLU B 315 24.45 -33.32 10.65
CA GLU B 315 25.04 -32.16 11.33
C GLU B 315 25.14 -30.99 10.37
N PRO B 316 24.43 -29.89 10.67
CA PRO B 316 24.41 -28.67 9.86
C PRO B 316 25.78 -28.09 9.55
N LEU B 317 26.03 -27.79 8.28
CA LEU B 317 27.31 -27.21 7.86
C LEU B 317 27.15 -25.71 7.72
N LEU B 318 25.93 -25.30 7.40
CA LEU B 318 25.58 -23.89 7.20
C LEU B 318 24.10 -23.79 7.56
N GLU B 319 23.84 -23.27 8.75
CA GLU B 319 22.47 -23.16 9.28
C GLU B 319 21.98 -21.73 9.51
N GLY B 320 20.72 -21.61 9.92
CA GLY B 320 20.14 -20.32 10.17
C GLY B 320 19.39 -20.33 11.49
N GLY B 321 19.85 -19.54 12.43
CA GLY B 321 19.19 -19.50 13.72
C GLY B 321 17.82 -18.86 13.71
N LEU B 322 16.94 -19.38 14.54
CA LEU B 322 15.57 -18.87 14.66
C LEU B 322 15.35 -18.44 16.11
N PRO B 323 15.18 -17.13 16.36
CA PRO B 323 14.95 -16.62 17.72
C PRO B 323 13.96 -17.54 18.43
N GLU B 324 14.39 -18.18 19.51
CA GLU B 324 13.53 -19.10 20.23
C GLU B 324 12.07 -18.66 20.42
N ASP B 325 11.83 -17.38 20.63
CA ASP B 325 10.46 -16.88 20.82
C ASP B 325 9.61 -17.07 19.55
N LEU B 326 10.25 -16.96 18.39
CA LEU B 326 9.59 -17.10 17.10
C LEU B 326 9.19 -18.54 16.79
N ARG B 327 9.94 -19.50 17.33
CA ARG B 327 9.65 -20.90 17.10
C ARG B 327 8.37 -21.23 17.84
N ARG B 328 8.04 -20.39 18.82
CA ARG B 328 6.84 -20.56 19.63
C ARG B 328 5.59 -20.14 18.85
N SER B 329 5.79 -19.35 17.81
CA SER B 329 4.67 -18.90 16.97
C SER B 329 4.00 -20.15 16.40
N ILE B 330 4.81 -21.06 15.88
CA ILE B 330 4.28 -22.30 15.35
C ILE B 330 4.22 -23.32 16.46
N ALA B 331 3.01 -23.68 16.87
CA ALA B 331 2.80 -24.66 17.93
C ALA B 331 2.14 -25.90 17.32
N GLY B 332 2.67 -26.34 16.17
CA GLY B 332 2.12 -27.52 15.51
C GLY B 332 1.88 -27.49 14.00
N SER B 333 2.28 -28.58 13.36
CA SER B 333 2.12 -28.75 11.94
C SER B 333 1.66 -30.18 11.71
N ARG B 334 0.62 -30.36 10.89
CA ARG B 334 0.14 -31.71 10.58
C ARG B 334 -0.49 -31.78 9.19
N LEU B 335 -0.53 -32.99 8.62
CA LEU B 335 -1.17 -33.17 7.34
C LEU B 335 -2.58 -33.73 7.58
N VAL B 336 -3.52 -33.36 6.73
CA VAL B 336 -4.89 -33.84 6.84
C VAL B 336 -5.53 -33.95 5.46
N TRP B 337 -6.32 -35.00 5.25
CA TRP B 337 -6.95 -35.21 3.96
C TRP B 337 -8.41 -34.79 4.00
N VAL B 338 -8.71 -33.77 3.23
CA VAL B 338 -10.03 -33.17 3.18
C VAL B 338 -10.93 -33.59 2.03
N GLU B 339 -11.97 -34.35 2.31
CA GLU B 339 -12.88 -34.76 1.26
C GLU B 339 -13.29 -33.51 0.49
N SER B 340 -13.39 -33.63 -0.84
CA SER B 340 -13.76 -32.51 -1.67
C SER B 340 -15.04 -32.84 -2.43
N PHE B 341 -15.49 -31.93 -3.28
CA PHE B 341 -16.75 -32.08 -4.03
C PHE B 341 -16.96 -33.39 -4.73
N ASP B 342 -15.89 -33.96 -5.27
CA ASP B 342 -16.04 -35.22 -6.02
C ASP B 342 -15.61 -36.45 -5.23
N GLY B 343 -15.40 -36.27 -3.93
CA GLY B 343 -14.94 -37.36 -3.09
C GLY B 343 -13.44 -37.54 -3.03
N SER B 344 -12.63 -36.71 -3.70
CA SER B 344 -11.16 -36.88 -3.60
C SER B 344 -10.60 -36.33 -2.28
N ARG B 345 -9.68 -37.06 -1.63
CA ARG B 345 -9.08 -36.56 -0.39
C ARG B 345 -7.96 -35.57 -0.74
N VAL B 346 -8.15 -34.31 -0.37
CA VAL B 346 -7.20 -33.22 -0.61
C VAL B 346 -6.20 -33.13 0.51
N PRO B 347 -4.90 -33.36 0.23
CA PRO B 347 -3.78 -33.32 1.19
C PRO B 347 -3.56 -31.90 1.67
N THR B 348 -4.01 -31.61 2.88
CA THR B 348 -3.85 -30.27 3.43
C THR B 348 -2.97 -30.19 4.66
N TYR B 349 -1.97 -29.31 4.62
CA TYR B 349 -1.07 -29.14 5.74
C TYR B 349 -1.63 -28.08 6.64
N VAL B 350 -1.30 -28.15 7.91
CA VAL B 350 -1.84 -27.19 8.84
C VAL B 350 -0.83 -26.75 9.86
N LEU B 351 -0.82 -25.45 10.13
CA LEU B 351 0.05 -24.83 11.11
C LEU B 351 -0.81 -24.20 12.18
N GLU B 352 -0.88 -24.80 13.36
CA GLU B 352 -1.65 -24.19 14.43
C GLU B 352 -0.69 -23.18 15.07
N SER B 353 -1.18 -21.96 15.25
CA SER B 353 -0.37 -20.90 15.83
C SER B 353 -0.36 -20.99 17.34
N GLY B 354 0.67 -20.40 17.95
CA GLY B 354 0.78 -20.40 19.39
C GLY B 354 0.37 -19.04 19.95
N ARG B 355 0.01 -18.16 19.03
CA ARG B 355 -0.41 -16.83 19.41
C ARG B 355 -1.84 -16.63 18.94
N ALA B 356 -2.58 -17.73 18.91
CA ALA B 356 -3.98 -17.73 18.52
C ALA B 356 -4.63 -18.92 19.20
N PRO B 357 -5.89 -18.79 19.61
CA PRO B 357 -6.57 -19.91 20.26
C PRO B 357 -7.32 -20.76 19.25
N THR B 358 -7.89 -21.86 19.73
CA THR B 358 -8.68 -22.76 18.89
C THR B 358 -10.07 -22.92 19.48
N PRO B 359 -11.12 -22.61 18.70
CA PRO B 359 -10.98 -22.14 17.31
C PRO B 359 -10.33 -20.76 17.30
N GLY B 360 -10.03 -20.25 16.11
CA GLY B 360 -9.40 -18.94 16.01
C GLY B 360 -9.32 -18.50 14.57
N PRO B 361 -8.88 -17.26 14.30
CA PRO B 361 -8.76 -16.73 12.94
C PRO B 361 -7.86 -17.64 12.09
N THR B 362 -8.38 -18.05 10.95
CA THR B 362 -7.64 -18.95 10.07
C THR B 362 -7.44 -18.43 8.67
N VAL B 363 -6.24 -18.69 8.17
CA VAL B 363 -5.95 -18.28 6.83
C VAL B 363 -5.69 -19.54 6.00
N VAL B 364 -6.31 -19.56 4.81
CA VAL B 364 -6.13 -20.65 3.85
C VAL B 364 -5.11 -20.03 2.88
N LEU B 365 -3.86 -20.39 3.04
CA LEU B 365 -2.79 -19.86 2.21
C LEU B 365 -2.62 -20.72 0.95
N VAL B 366 -3.31 -20.33 -0.13
CA VAL B 366 -3.31 -21.05 -1.40
C VAL B 366 -1.98 -21.01 -2.16
N HIS B 367 -1.32 -22.15 -2.38
CA HIS B 367 -0.02 -22.12 -3.09
C HIS B 367 -0.09 -21.71 -4.56
N GLY B 368 1.06 -21.55 -5.20
CA GLY B 368 1.06 -21.13 -6.58
C GLY B 368 1.52 -22.20 -7.54
N GLY B 369 1.71 -21.82 -8.80
CA GLY B 369 2.11 -22.75 -9.83
C GLY B 369 1.13 -22.87 -10.98
N PRO B 370 0.11 -23.74 -10.86
CA PRO B 370 -0.19 -24.60 -9.72
C PRO B 370 0.73 -25.81 -9.52
N PHE B 371 1.57 -26.12 -10.50
CA PHE B 371 2.47 -27.28 -10.35
C PHE B 371 3.50 -27.11 -9.24
N ALA B 372 2.98 -26.93 -8.03
CA ALA B 372 3.79 -26.78 -6.84
C ALA B 372 3.03 -27.50 -5.74
N GLU B 373 3.61 -27.55 -4.53
CA GLU B 373 2.94 -28.21 -3.43
C GLU B 373 3.29 -27.67 -2.05
N ASP B 374 2.33 -27.76 -1.13
CA ASP B 374 2.52 -27.37 0.27
C ASP B 374 2.97 -28.63 0.95
N SER B 375 4.24 -28.69 1.29
CA SER B 375 4.80 -29.86 1.95
C SER B 375 5.50 -29.38 3.20
N ASP B 376 6.08 -30.30 3.97
CA ASP B 376 6.78 -29.92 5.18
C ASP B 376 8.10 -29.25 4.80
N SER B 377 8.00 -27.98 4.45
CA SER B 377 9.16 -27.17 4.08
C SER B 377 8.96 -25.78 4.68
N TRP B 378 10.05 -25.04 4.79
CA TRP B 378 9.94 -23.70 5.32
C TRP B 378 9.09 -22.82 4.39
N ASP B 379 8.21 -22.02 5.00
CA ASP B 379 7.32 -21.10 4.28
C ASP B 379 7.37 -19.81 5.08
N THR B 380 8.19 -18.85 4.66
CA THR B 380 8.27 -17.60 5.38
C THR B 380 6.89 -16.94 5.64
N PHE B 381 5.99 -16.97 4.66
CA PHE B 381 4.64 -16.39 4.80
C PHE B 381 3.75 -17.10 5.82
N ALA B 382 3.65 -18.42 5.70
CA ALA B 382 2.84 -19.23 6.62
C ALA B 382 3.37 -19.03 8.02
N ALA B 383 4.70 -18.92 8.14
CA ALA B 383 5.37 -18.69 9.42
C ALA B 383 4.95 -17.35 10.03
N SER B 384 4.97 -16.32 9.19
CA SER B 384 4.61 -14.96 9.57
C SER B 384 3.12 -14.78 9.81
N LEU B 385 2.29 -15.64 9.23
CA LEU B 385 0.83 -15.57 9.46
C LEU B 385 0.53 -16.19 10.84
N ALA B 386 1.48 -16.99 11.32
CA ALA B 386 1.41 -17.69 12.60
C ALA B 386 1.94 -16.78 13.69
N ALA B 387 3.00 -16.04 13.39
CA ALA B 387 3.54 -15.12 14.36
C ALA B 387 2.50 -14.02 14.64
N ALA B 388 1.65 -13.74 13.66
CA ALA B 388 0.62 -12.72 13.80
C ALA B 388 -0.58 -13.37 14.42
N GLY B 389 -0.41 -14.62 14.84
CA GLY B 389 -1.51 -15.33 15.47
C GLY B 389 -2.68 -15.67 14.57
N PHE B 390 -2.41 -16.47 13.54
CA PHE B 390 -3.40 -16.95 12.58
C PHE B 390 -3.10 -18.41 12.33
N HIS B 391 -4.13 -19.24 12.25
CA HIS B 391 -3.87 -20.64 11.95
C HIS B 391 -3.69 -20.69 10.44
N VAL B 392 -2.72 -21.47 9.99
CA VAL B 392 -2.41 -21.58 8.58
C VAL B 392 -2.86 -22.93 7.98
N VAL B 393 -3.84 -22.89 7.06
CA VAL B 393 -4.34 -24.10 6.39
C VAL B 393 -3.82 -24.08 4.93
N MET B 394 -3.18 -25.15 4.49
CA MET B 394 -2.61 -25.18 3.15
C MET B 394 -2.97 -26.42 2.35
N PRO B 395 -3.99 -26.30 1.47
CA PRO B 395 -4.46 -27.40 0.63
C PRO B 395 -3.79 -27.64 -0.71
N ASN B 396 -3.29 -28.86 -0.89
CA ASN B 396 -2.66 -29.23 -2.14
C ASN B 396 -3.79 -29.61 -3.09
N TYR B 397 -4.46 -28.60 -3.64
CA TYR B 397 -5.57 -28.78 -4.59
C TYR B 397 -5.12 -29.51 -5.85
N ARG B 398 -6.06 -30.14 -6.53
CA ARG B 398 -5.72 -30.86 -7.75
C ARG B 398 -4.96 -29.89 -8.66
N GLY B 399 -3.80 -30.32 -9.12
CA GLY B 399 -2.94 -29.48 -9.94
C GLY B 399 -1.59 -29.42 -9.23
N SER B 400 -1.60 -29.77 -7.95
CA SER B 400 -0.39 -29.76 -7.13
C SER B 400 0.52 -30.87 -7.59
N THR B 401 1.77 -30.79 -7.15
CA THR B 401 2.76 -31.81 -7.48
C THR B 401 2.87 -32.60 -6.19
N GLY B 402 3.64 -33.68 -6.22
CA GLY B 402 3.85 -34.48 -5.02
C GLY B 402 2.80 -35.51 -4.67
N TYR B 403 1.69 -35.54 -5.41
CA TYR B 403 0.66 -36.51 -5.13
C TYR B 403 0.25 -37.37 -6.33
N GLY B 404 1.18 -37.54 -7.26
CA GLY B 404 0.95 -38.35 -8.44
C GLY B 404 0.56 -37.57 -9.68
N GLU B 405 0.76 -38.19 -10.83
CA GLU B 405 0.41 -37.54 -12.08
C GLU B 405 -1.07 -37.22 -12.23
N GLU B 406 -1.94 -38.09 -11.71
CA GLU B 406 -3.38 -37.86 -11.85
C GLU B 406 -3.88 -36.60 -11.16
N TRP B 407 -3.60 -36.49 -9.87
CA TRP B 407 -4.00 -35.32 -9.09
C TRP B 407 -3.51 -34.05 -9.80
N ARG B 408 -2.24 -34.05 -10.16
CA ARG B 408 -1.64 -32.91 -10.79
C ARG B 408 -2.29 -32.50 -12.12
N LEU B 409 -2.63 -33.47 -12.96
CA LEU B 409 -3.23 -33.14 -14.26
C LEU B 409 -4.72 -32.90 -14.30
N LYS B 410 -5.40 -33.01 -13.17
CA LYS B 410 -6.85 -32.77 -13.14
C LYS B 410 -7.17 -31.28 -13.35
N ILE B 411 -6.19 -30.43 -13.07
CA ILE B 411 -6.37 -28.99 -13.21
C ILE B 411 -6.46 -28.52 -14.65
N ILE B 412 -5.78 -29.21 -15.58
CA ILE B 412 -5.79 -28.80 -16.98
C ILE B 412 -7.17 -28.60 -17.63
N GLY B 413 -7.32 -27.46 -18.31
CA GLY B 413 -8.58 -27.16 -18.97
C GLY B 413 -9.62 -26.84 -17.92
N ASP B 414 -9.18 -26.82 -16.67
CA ASP B 414 -10.13 -26.57 -15.61
C ASP B 414 -9.65 -25.64 -14.49
N PRO B 415 -9.17 -24.43 -14.82
CA PRO B 415 -8.72 -23.46 -13.80
C PRO B 415 -9.95 -22.73 -13.22
N CYS B 416 -10.03 -22.66 -11.90
CA CYS B 416 -11.19 -22.06 -11.24
C CYS B 416 -12.32 -23.06 -11.53
N GLY B 417 -12.12 -24.27 -11.00
CA GLY B 417 -13.07 -25.36 -11.14
C GLY B 417 -12.81 -26.35 -10.02
N GLY B 418 -12.35 -27.54 -10.37
CA GLY B 418 -12.05 -28.51 -9.34
C GLY B 418 -11.13 -27.97 -8.24
N GLU B 419 -10.01 -27.34 -8.61
CA GLU B 419 -9.09 -26.83 -7.58
C GLU B 419 -9.72 -25.82 -6.66
N LEU B 420 -10.51 -24.90 -7.19
CA LEU B 420 -11.17 -23.93 -6.33
C LEU B 420 -12.02 -24.70 -5.29
N GLU B 421 -12.67 -25.77 -5.72
CA GLU B 421 -13.48 -26.59 -4.81
C GLU B 421 -12.63 -27.23 -3.71
N ASP B 422 -11.46 -27.74 -4.05
CA ASP B 422 -10.61 -28.34 -3.04
C ASP B 422 -10.19 -27.25 -2.05
N VAL B 423 -10.00 -26.02 -2.53
CA VAL B 423 -9.62 -24.93 -1.65
C VAL B 423 -10.80 -24.65 -0.72
N SER B 424 -12.00 -24.56 -1.27
CA SER B 424 -13.21 -24.30 -0.48
C SER B 424 -13.46 -25.41 0.54
N ALA B 425 -13.32 -26.67 0.11
CA ALA B 425 -13.51 -27.81 1.00
C ALA B 425 -12.57 -27.65 2.19
N ALA B 426 -11.33 -27.27 1.91
CA ALA B 426 -10.33 -27.04 2.94
C ALA B 426 -10.83 -25.95 3.91
N ALA B 427 -11.28 -24.83 3.37
CA ALA B 427 -11.77 -23.77 4.22
C ALA B 427 -12.83 -24.44 5.09
N ARG B 428 -13.89 -24.92 4.44
CA ARG B 428 -14.96 -25.61 5.14
C ARG B 428 -14.45 -26.53 6.22
N TRP B 429 -13.44 -27.35 5.90
CA TRP B 429 -12.90 -28.26 6.90
C TRP B 429 -12.44 -27.48 8.13
N ALA B 430 -11.72 -26.38 7.92
CA ALA B 430 -11.19 -25.57 9.00
C ALA B 430 -12.29 -25.20 10.02
N ARG B 431 -13.48 -24.92 9.53
CA ARG B 431 -14.60 -24.58 10.40
C ARG B 431 -15.17 -25.89 10.98
N GLU B 432 -15.97 -26.59 10.18
CA GLU B 432 -16.56 -27.84 10.60
C GLU B 432 -15.73 -28.67 11.58
N SER B 433 -14.41 -28.58 11.52
CA SER B 433 -13.54 -29.36 12.42
C SER B 433 -13.15 -28.62 13.70
N GLY B 434 -13.60 -27.38 13.83
CA GLY B 434 -13.31 -26.59 15.01
C GLY B 434 -11.95 -25.94 15.13
N LEU B 435 -11.32 -25.65 14.00
CA LEU B 435 -10.02 -25.01 14.05
C LEU B 435 -10.14 -23.51 13.88
N ALA B 436 -11.09 -23.08 13.06
CA ALA B 436 -11.25 -21.66 12.73
C ALA B 436 -12.47 -20.96 13.27
N SER B 437 -12.27 -19.73 13.73
CA SER B 437 -13.37 -18.93 14.24
C SER B 437 -13.82 -18.04 13.08
N GLU B 438 -12.90 -17.81 12.15
CA GLU B 438 -13.19 -16.99 10.97
C GLU B 438 -12.21 -17.38 9.88
N LEU B 439 -12.63 -17.19 8.63
CA LEU B 439 -11.82 -17.53 7.47
C LEU B 439 -11.45 -16.44 6.47
N TYR B 440 -10.21 -16.51 6.00
CA TYR B 440 -9.67 -15.60 5.00
C TYR B 440 -8.88 -16.45 4.03
N ILE B 441 -8.64 -15.91 2.84
CA ILE B 441 -7.84 -16.56 1.83
C ILE B 441 -6.79 -15.54 1.40
N MET B 442 -5.55 -16.01 1.29
CA MET B 442 -4.41 -15.20 0.90
C MET B 442 -3.55 -16.08 0.06
N GLY B 443 -3.15 -15.59 -1.11
CA GLY B 443 -2.29 -16.35 -2.00
C GLY B 443 -1.43 -15.48 -2.88
N TYR B 444 -0.28 -16.00 -3.30
CA TYR B 444 0.63 -15.26 -4.18
C TYR B 444 0.61 -15.95 -5.54
N SER B 445 0.60 -15.14 -6.59
CA SER B 445 0.58 -15.64 -7.95
C SER B 445 -0.66 -16.48 -8.28
N TYR B 446 -0.51 -17.76 -8.56
CA TYR B 446 -1.70 -18.55 -8.87
C TYR B 446 -2.59 -18.61 -7.63
N GLY B 447 -1.94 -18.50 -6.47
CA GLY B 447 -2.64 -18.51 -5.19
C GLY B 447 -3.43 -17.22 -5.10
N GLY B 448 -2.93 -16.18 -5.77
CA GLY B 448 -3.62 -14.92 -5.77
C GLY B 448 -4.78 -15.07 -6.72
N TYR B 449 -4.59 -15.88 -7.76
CA TYR B 449 -5.63 -16.19 -8.75
C TYR B 449 -6.79 -16.86 -8.01
N MET B 450 -6.46 -17.72 -7.05
CA MET B 450 -7.47 -18.41 -6.26
C MET B 450 -8.20 -17.47 -5.31
N THR B 451 -7.51 -16.48 -4.78
CA THR B 451 -8.11 -15.52 -3.89
C THR B 451 -9.15 -14.76 -4.70
N LEU B 452 -8.77 -14.41 -5.91
CA LEU B 452 -9.65 -13.67 -6.80
C LEU B 452 -10.83 -14.54 -7.19
N CYS B 453 -10.54 -15.77 -7.64
CA CYS B 453 -11.58 -16.71 -8.03
C CYS B 453 -12.52 -17.09 -6.89
N ALA B 454 -12.01 -17.12 -5.67
CA ALA B 454 -12.83 -17.50 -4.54
C ALA B 454 -13.78 -16.37 -4.17
N LEU B 455 -13.25 -15.15 -4.06
CA LEU B 455 -14.07 -14.02 -3.70
C LEU B 455 -15.04 -13.69 -4.80
N THR B 456 -14.94 -14.35 -5.95
CA THR B 456 -15.87 -14.05 -7.05
C THR B 456 -16.81 -15.20 -7.38
N MET B 457 -16.42 -16.42 -7.05
CA MET B 457 -17.25 -17.60 -7.30
C MET B 457 -17.80 -18.15 -5.98
N LYS B 458 -17.40 -17.56 -4.86
CA LYS B 458 -17.87 -18.03 -3.58
C LYS B 458 -18.07 -16.92 -2.55
N PRO B 459 -18.80 -15.85 -2.90
CA PRO B 459 -18.99 -14.78 -1.92
C PRO B 459 -19.61 -15.28 -0.63
N GLY B 460 -19.09 -14.80 0.49
CA GLY B 460 -19.59 -15.23 1.76
C GLY B 460 -18.77 -16.36 2.32
N LEU B 461 -17.92 -16.97 1.48
CA LEU B 461 -17.08 -18.06 1.96
C LEU B 461 -16.06 -17.53 2.92
N PHE B 462 -15.19 -16.63 2.46
CA PHE B 462 -14.18 -16.05 3.32
C PHE B 462 -14.58 -14.69 3.85
N LYS B 463 -13.87 -14.22 4.86
CA LYS B 463 -14.18 -12.91 5.45
C LYS B 463 -13.60 -11.80 4.55
N ALA B 464 -12.41 -12.04 4.04
CA ALA B 464 -11.72 -11.10 3.18
C ALA B 464 -10.70 -11.92 2.39
N GLY B 465 -10.13 -11.31 1.36
CA GLY B 465 -9.14 -12.02 0.58
C GLY B 465 -7.95 -11.14 0.31
N VAL B 466 -6.79 -11.77 0.17
CA VAL B 466 -5.55 -11.06 -0.12
C VAL B 466 -4.92 -11.74 -1.31
N ALA B 467 -4.79 -10.99 -2.39
CA ALA B 467 -4.22 -11.51 -3.61
C ALA B 467 -2.96 -10.72 -4.04
N GLY B 468 -1.80 -11.37 -3.95
CA GLY B 468 -0.58 -10.73 -4.36
C GLY B 468 -0.01 -11.32 -5.64
N ALA B 469 0.34 -10.47 -6.60
CA ALA B 469 0.93 -10.98 -7.85
C ALA B 469 0.00 -11.99 -8.47
N SER B 470 -1.27 -11.65 -8.51
CA SER B 470 -2.29 -12.55 -9.00
C SER B 470 -2.57 -12.52 -10.48
N VAL B 471 -3.14 -13.62 -10.99
CA VAL B 471 -3.55 -13.73 -12.38
C VAL B 471 -4.92 -13.08 -12.32
N VAL B 472 -5.11 -12.01 -13.06
CA VAL B 472 -6.40 -11.31 -13.03
C VAL B 472 -7.27 -11.62 -14.24
N ASP B 473 -6.60 -11.82 -15.38
CA ASP B 473 -7.26 -12.08 -16.64
C ASP B 473 -6.35 -12.90 -17.58
N TRP B 474 -6.84 -14.04 -18.04
CA TRP B 474 -6.05 -14.88 -18.92
C TRP B 474 -5.84 -14.27 -20.30
N GLU B 475 -6.83 -13.53 -20.79
CA GLU B 475 -6.70 -12.98 -22.12
C GLU B 475 -5.70 -11.84 -22.24
N GLU B 476 -5.85 -10.78 -21.44
CA GLU B 476 -4.88 -9.69 -21.55
C GLU B 476 -3.51 -10.20 -21.09
N MET B 477 -3.49 -11.24 -20.25
CA MET B 477 -2.21 -11.73 -19.81
C MET B 477 -1.49 -12.29 -21.04
N TYR B 478 -2.15 -13.21 -21.74
CA TYR B 478 -1.62 -13.86 -22.96
C TYR B 478 -0.98 -12.81 -23.87
N GLU B 479 -1.76 -11.76 -24.12
CA GLU B 479 -1.38 -10.63 -24.93
C GLU B 479 -0.07 -10.01 -24.48
N LEU B 480 0.26 -10.16 -23.20
CA LEU B 480 1.47 -9.56 -22.67
C LEU B 480 2.61 -10.52 -22.33
N SER B 481 2.35 -11.82 -22.40
CA SER B 481 3.35 -12.83 -22.03
C SER B 481 4.41 -13.16 -23.08
N ASP B 482 5.56 -13.66 -22.63
CA ASP B 482 6.62 -14.05 -23.56
C ASP B 482 6.34 -15.43 -24.15
N ALA B 483 7.35 -16.04 -24.74
CA ALA B 483 7.19 -17.34 -25.36
C ALA B 483 6.88 -18.51 -24.40
N ALA B 484 7.42 -18.49 -23.20
CA ALA B 484 7.15 -19.61 -22.28
C ALA B 484 5.78 -19.44 -21.66
N PHE B 485 5.38 -18.22 -21.39
CA PHE B 485 4.08 -18.04 -20.76
C PHE B 485 2.89 -18.16 -21.67
N ARG B 486 3.01 -17.80 -22.94
CA ARG B 486 1.89 -17.92 -23.87
C ARG B 486 1.58 -19.39 -23.96
N ASN B 487 2.64 -20.18 -23.94
CA ASN B 487 2.49 -21.61 -24.05
C ASN B 487 1.94 -22.25 -22.79
N PHE B 488 2.33 -21.72 -21.64
CA PHE B 488 1.86 -22.25 -20.37
C PHE B 488 0.38 -21.93 -20.13
N ILE B 489 -0.13 -20.85 -20.70
CA ILE B 489 -1.55 -20.52 -20.55
C ILE B 489 -2.34 -21.43 -21.49
N GLU B 490 -1.75 -21.70 -22.65
CA GLU B 490 -2.40 -22.57 -23.63
C GLU B 490 -2.62 -23.90 -22.96
N GLN B 491 -1.54 -24.48 -22.43
CA GLN B 491 -1.64 -25.78 -21.78
C GLN B 491 -2.60 -25.83 -20.58
N LEU B 492 -2.65 -24.75 -19.82
CA LEU B 492 -3.49 -24.67 -18.65
C LEU B 492 -4.98 -24.44 -18.93
N THR B 493 -5.31 -23.79 -20.04
CA THR B 493 -6.71 -23.53 -20.37
C THR B 493 -7.21 -24.44 -21.50
N GLY B 494 -6.36 -25.39 -21.88
CA GLY B 494 -6.72 -26.31 -22.94
C GLY B 494 -6.89 -25.60 -24.26
N GLY B 495 -6.29 -24.43 -24.40
CA GLY B 495 -6.42 -23.68 -25.63
C GLY B 495 -7.84 -23.17 -25.76
N SER B 496 -8.62 -23.45 -24.73
CA SER B 496 -10.02 -23.06 -24.70
C SER B 496 -10.11 -21.59 -24.42
N ARG B 497 -10.70 -20.85 -25.35
CA ARG B 497 -10.88 -19.42 -25.15
C ARG B 497 -12.10 -19.09 -24.32
N GLU B 498 -13.08 -19.97 -24.29
CA GLU B 498 -14.24 -19.70 -23.46
C GLU B 498 -13.71 -19.88 -22.03
N ILE B 499 -12.74 -20.78 -21.87
CA ILE B 499 -12.12 -21.00 -20.57
C ILE B 499 -11.29 -19.78 -20.11
N MET B 500 -10.64 -19.08 -21.03
CA MET B 500 -9.84 -17.92 -20.66
C MET B 500 -10.70 -16.73 -20.20
N ARG B 501 -11.93 -16.65 -20.73
CA ARG B 501 -12.89 -15.59 -20.37
C ARG B 501 -13.59 -16.00 -19.09
N SER B 502 -14.41 -17.03 -19.23
CA SER B 502 -15.20 -17.56 -18.15
C SER B 502 -14.45 -17.72 -16.85
N ARG B 503 -13.21 -18.20 -16.91
CA ARG B 503 -12.43 -18.40 -15.69
C ARG B 503 -11.57 -17.22 -15.25
N SER B 504 -11.74 -16.09 -15.90
CA SER B 504 -10.99 -14.91 -15.51
C SER B 504 -11.85 -14.10 -14.57
N PRO B 505 -11.45 -14.04 -13.31
CA PRO B 505 -12.16 -13.32 -12.26
C PRO B 505 -12.49 -11.88 -12.54
N ILE B 506 -11.79 -11.27 -13.49
CA ILE B 506 -12.04 -9.87 -13.78
C ILE B 506 -13.40 -9.71 -14.41
N ASN B 507 -13.93 -10.81 -14.93
CA ASN B 507 -15.23 -10.84 -15.59
C ASN B 507 -16.37 -11.14 -14.63
N HIS B 508 -16.04 -11.40 -13.37
CA HIS B 508 -17.08 -11.69 -12.39
C HIS B 508 -17.02 -10.77 -11.18
N VAL B 509 -16.45 -9.59 -11.41
CA VAL B 509 -16.27 -8.57 -10.38
C VAL B 509 -17.57 -8.17 -9.66
N ASP B 510 -18.68 -8.16 -10.38
CA ASP B 510 -19.96 -7.82 -9.79
C ASP B 510 -20.41 -8.73 -8.63
N ARG B 511 -19.81 -9.91 -8.54
CA ARG B 511 -20.19 -10.84 -7.48
C ARG B 511 -19.40 -10.70 -6.20
N ILE B 512 -18.38 -9.86 -6.20
CA ILE B 512 -17.56 -9.70 -5.00
C ILE B 512 -18.30 -8.99 -3.89
N LYS B 513 -18.21 -9.50 -2.67
CA LYS B 513 -18.89 -8.87 -1.54
C LYS B 513 -17.91 -8.68 -0.40
N GLU B 514 -16.79 -9.40 -0.47
CA GLU B 514 -15.77 -9.33 0.56
C GLU B 514 -14.69 -8.28 0.27
N PRO B 515 -14.07 -7.77 1.34
CA PRO B 515 -13.00 -6.77 1.34
C PRO B 515 -11.77 -7.45 0.79
N LEU B 516 -11.22 -6.91 -0.29
CA LEU B 516 -10.06 -7.49 -0.95
C LEU B 516 -8.79 -6.64 -0.81
N ALA B 517 -7.63 -7.28 -0.69
CA ALA B 517 -6.36 -6.55 -0.58
C ALA B 517 -5.48 -6.92 -1.74
N LEU B 518 -5.17 -5.97 -2.63
CA LEU B 518 -4.30 -6.28 -3.76
C LEU B 518 -2.89 -5.84 -3.43
N ILE B 519 -1.93 -6.71 -3.74
CA ILE B 519 -0.51 -6.44 -3.54
C ILE B 519 0.11 -6.85 -4.86
N HIS B 520 0.77 -5.93 -5.55
CA HIS B 520 1.34 -6.23 -6.86
C HIS B 520 2.62 -5.47 -7.21
N PRO B 521 3.65 -6.21 -7.66
CA PRO B 521 4.96 -5.69 -8.05
C PRO B 521 4.78 -4.94 -9.37
N GLN B 522 5.09 -3.66 -9.41
CA GLN B 522 4.91 -2.89 -10.63
C GLN B 522 5.50 -3.55 -11.90
N ASN B 523 6.71 -4.11 -11.80
CA ASN B 523 7.40 -4.69 -12.95
C ASN B 523 7.35 -6.19 -13.14
N ASP B 524 6.34 -6.83 -12.54
CA ASP B 524 6.16 -8.27 -12.66
C ASP B 524 6.07 -8.62 -14.17
N SER B 525 6.83 -9.60 -14.62
CA SER B 525 6.78 -10.01 -16.01
C SER B 525 6.08 -11.36 -16.18
N ARG B 526 5.77 -12.03 -15.07
CA ARG B 526 5.07 -13.32 -15.07
C ARG B 526 3.57 -13.03 -15.02
N THR B 527 3.15 -12.32 -14.00
CA THR B 527 1.77 -11.89 -13.85
C THR B 527 1.90 -10.37 -13.85
N PRO B 528 1.56 -9.73 -14.99
CA PRO B 528 1.62 -8.28 -15.22
C PRO B 528 0.62 -7.42 -14.42
N LEU B 529 1.01 -6.17 -14.17
CA LEU B 529 0.23 -5.20 -13.40
C LEU B 529 -0.87 -4.55 -14.21
N LYS B 530 -0.65 -4.39 -15.51
CA LYS B 530 -1.66 -3.79 -16.38
C LYS B 530 -3.05 -4.40 -16.18
N PRO B 531 -3.18 -5.73 -16.18
CA PRO B 531 -4.51 -6.30 -15.98
C PRO B 531 -5.07 -5.94 -14.60
N LEU B 532 -4.16 -5.78 -13.64
CA LEU B 532 -4.56 -5.47 -12.28
C LEU B 532 -5.17 -4.08 -12.20
N LEU B 533 -4.67 -3.16 -13.00
CA LEU B 533 -5.24 -1.82 -12.99
C LEU B 533 -6.66 -1.83 -13.57
N ARG B 534 -6.90 -2.60 -14.65
CA ARG B 534 -8.25 -2.64 -15.21
C ARG B 534 -9.18 -3.22 -14.13
N LEU B 535 -8.62 -4.09 -13.28
CA LEU B 535 -9.39 -4.67 -12.18
C LEU B 535 -9.76 -3.59 -11.17
N MET B 536 -8.80 -2.74 -10.82
CA MET B 536 -9.10 -1.68 -9.87
C MET B 536 -10.20 -0.83 -10.46
N GLY B 537 -10.12 -0.59 -11.76
CA GLY B 537 -11.17 0.18 -12.39
C GLY B 537 -12.54 -0.46 -12.18
N GLU B 538 -12.62 -1.79 -12.27
CA GLU B 538 -13.91 -2.44 -12.09
C GLU B 538 -14.38 -2.42 -10.65
N LEU B 539 -13.48 -2.73 -9.71
CA LEU B 539 -13.82 -2.69 -8.29
C LEU B 539 -14.36 -1.31 -7.92
N LEU B 540 -13.70 -0.26 -8.41
CA LEU B 540 -14.15 1.09 -8.15
C LEU B 540 -15.55 1.34 -8.79
N ALA B 541 -15.67 1.15 -10.11
CA ALA B 541 -16.94 1.36 -10.82
C ALA B 541 -18.14 0.59 -10.29
N ARG B 542 -17.93 -0.66 -9.90
CA ARG B 542 -19.02 -1.48 -9.37
C ARG B 542 -19.12 -1.21 -7.89
N GLY B 543 -18.41 -0.18 -7.46
CA GLY B 543 -18.42 0.22 -6.07
C GLY B 543 -18.06 -0.80 -5.03
N LYS B 544 -17.04 -1.60 -5.28
CA LYS B 544 -16.60 -2.61 -4.30
C LYS B 544 -15.50 -2.08 -3.41
N THR B 545 -15.29 -2.77 -2.29
CA THR B 545 -14.27 -2.42 -1.33
C THR B 545 -12.92 -3.08 -1.66
N PHE B 546 -11.84 -2.31 -1.57
CA PHE B 546 -10.52 -2.87 -1.81
C PHE B 546 -9.38 -1.94 -1.45
N GLU B 547 -8.20 -2.50 -1.26
CA GLU B 547 -7.05 -1.66 -1.01
C GLU B 547 -6.05 -2.29 -1.96
N ALA B 548 -5.13 -1.47 -2.46
CA ALA B 548 -4.10 -1.98 -3.35
C ALA B 548 -2.73 -1.51 -2.85
N HIS B 549 -1.69 -2.18 -3.33
CA HIS B 549 -0.32 -1.85 -2.94
C HIS B 549 0.60 -2.24 -4.09
N ILE B 550 1.14 -1.24 -4.78
CA ILE B 550 2.02 -1.52 -5.90
C ILE B 550 3.49 -1.30 -5.44
N ILE B 551 4.31 -2.33 -5.66
CA ILE B 551 5.69 -2.26 -5.28
C ILE B 551 6.51 -1.71 -6.42
N PRO B 552 7.36 -0.72 -6.14
CA PRO B 552 8.21 -0.08 -7.14
C PRO B 552 9.55 -0.77 -7.32
N ASP B 553 10.06 -0.70 -8.55
CA ASP B 553 11.36 -1.30 -8.82
C ASP B 553 11.39 -2.73 -8.33
N ALA B 554 10.45 -3.54 -8.78
CA ALA B 554 10.45 -4.93 -8.37
C ALA B 554 9.46 -5.72 -9.21
N GLY B 555 9.80 -6.98 -9.43
CA GLY B 555 8.94 -7.84 -10.21
C GLY B 555 8.42 -9.01 -9.41
N HIS B 556 8.15 -10.11 -10.11
CA HIS B 556 7.60 -11.29 -9.48
C HIS B 556 8.58 -11.92 -8.49
N ALA B 557 9.86 -11.77 -8.74
CA ALA B 557 10.80 -12.36 -7.82
C ALA B 557 10.97 -11.50 -6.59
N ILE B 558 11.07 -12.15 -5.43
CA ILE B 558 11.27 -11.46 -4.17
C ILE B 558 12.73 -11.84 -3.80
N ASN B 559 13.71 -11.05 -4.28
CA ASN B 559 15.11 -11.36 -4.01
C ASN B 559 15.80 -10.48 -2.95
N THR B 560 15.01 -9.62 -2.30
CA THR B 560 15.57 -8.76 -1.27
C THR B 560 14.63 -8.60 -0.10
N MET B 561 15.20 -8.31 1.07
CA MET B 561 14.39 -8.14 2.26
C MET B 561 13.45 -6.95 2.20
N GLU B 562 13.91 -5.83 1.65
CA GLU B 562 13.07 -4.64 1.56
C GLU B 562 11.87 -4.95 0.72
N ASP B 563 12.01 -5.95 -0.16
CA ASP B 563 10.90 -6.31 -1.01
C ASP B 563 10.03 -7.39 -0.39
N ALA B 564 10.62 -8.33 0.32
CA ALA B 564 9.79 -9.34 0.98
C ALA B 564 8.88 -8.59 1.95
N VAL B 565 9.46 -7.62 2.66
CA VAL B 565 8.73 -6.79 3.62
C VAL B 565 7.55 -6.02 3.00
N LYS B 566 7.78 -5.39 1.84
CA LYS B 566 6.74 -4.62 1.15
C LYS B 566 5.56 -5.47 0.70
N ILE B 567 5.80 -6.76 0.48
CA ILE B 567 4.73 -7.67 0.06
C ILE B 567 4.04 -8.24 1.26
N LEU B 568 4.81 -8.66 2.25
CA LEU B 568 4.26 -9.28 3.45
C LEU B 568 3.70 -8.38 4.55
N LEU B 569 4.25 -7.18 4.71
CA LEU B 569 3.79 -6.27 5.74
C LEU B 569 2.35 -5.82 5.51
N PRO B 570 2.00 -5.47 4.26
CA PRO B 570 0.63 -5.04 4.00
C PRO B 570 -0.50 -6.08 4.03
N ALA B 571 -0.20 -7.36 3.82
CA ALA B 571 -1.24 -8.38 3.84
C ALA B 571 -1.57 -8.72 5.30
N VAL B 572 -0.53 -8.79 6.13
CA VAL B 572 -0.68 -9.07 7.56
C VAL B 572 -1.55 -7.97 8.16
N PHE B 573 -1.12 -6.73 7.94
CA PHE B 573 -1.83 -5.55 8.41
C PHE B 573 -3.28 -5.61 7.94
N PHE B 574 -3.49 -6.01 6.69
CA PHE B 574 -4.86 -6.11 6.19
C PHE B 574 -5.63 -7.14 7.01
N LEU B 575 -5.09 -8.34 7.10
CA LEU B 575 -5.72 -9.42 7.85
C LEU B 575 -5.90 -9.08 9.34
N ALA B 576 -4.88 -8.50 9.94
CA ALA B 576 -4.94 -8.11 11.35
C ALA B 576 -5.99 -7.01 11.61
N THR B 577 -6.32 -6.24 10.58
CA THR B 577 -7.29 -5.16 10.67
C THR B 577 -8.72 -5.64 10.49
N GLN B 578 -8.89 -6.76 9.78
CA GLN B 578 -10.22 -7.31 9.54
C GLN B 578 -10.60 -8.22 10.70
N ARG B 579 -9.59 -8.72 11.41
CA ARG B 579 -9.82 -9.60 12.55
C ARG B 579 -10.67 -8.87 13.60
N GLU B 580 -10.50 -7.56 13.66
CA GLU B 580 -11.28 -6.74 14.57
C GLU B 580 -12.52 -6.49 13.73
N ARG B 581 -13.27 -7.57 13.49
CA ARG B 581 -14.50 -7.59 12.67
C ARG B 581 -14.80 -6.29 11.93
P 4NP C . -8.83 20.29 -0.92
O1 4NP C . -8.48 19.70 -2.36
O2 4NP C . -8.50 21.62 -1.08
O3 4NP C . -7.94 19.75 0.03
O4 4NP C . -10.42 19.95 -0.56
C1 4NP C . -9.14 20.00 -3.56
C2 4NP C . -8.88 21.21 -4.21
C3 4NP C . -9.51 21.56 -5.41
C4 4NP C . -10.46 20.68 -5.96
C5 4NP C . -10.74 19.43 -5.32
C6 4NP C . -10.09 19.09 -4.12
N 4NP C . -11.13 20.99 -7.16
O5 4NP C . -10.89 22.05 -7.69
O6 4NP C . -11.89 20.28 -7.61
C1 GOL D . 3.82 -0.24 3.93
O1 GOL D . 4.94 0.75 3.85
C2 GOL D . 2.83 -0.28 3.00
O2 GOL D . 3.52 -0.34 1.78
C3 GOL D . 1.71 -0.34 3.55
O3 GOL D . 0.66 -0.39 4.69
P 4NP E . 3.08 -19.02 -10.90
O1 4NP E . 1.88 -18.24 -11.57
O2 4NP E . 2.73 -20.34 -11.11
O3 4NP E . 3.06 -18.78 -9.53
O4 4NP E . 4.50 -18.54 -11.62
C1 4NP E . 1.54 -18.21 -12.94
C2 4NP E . 0.78 -19.29 -13.49
C3 4NP E . 0.40 -19.32 -14.84
C4 4NP E . 0.79 -18.24 -15.69
C5 4NP E . 1.53 -17.14 -15.15
C6 4NP E . 1.92 -17.12 -13.78
N 4NP E . 0.42 -18.23 -17.09
O5 4NP E . -0.22 -19.16 -17.53
O6 4NP E . 0.72 -17.37 -17.75
#